data_3OT9
#
_entry.id   3OT9
#
_cell.length_a   91.871
_cell.length_b   76.582
_cell.length_c   107.051
_cell.angle_alpha   90.000
_cell.angle_beta   108.730
_cell.angle_gamma   90.000
#
_symmetry.space_group_name_H-M   'P 1 21 1'
#
loop_
_entity.id
_entity.type
_entity.pdbx_description
1 polymer Phosphopentomutase
2 non-polymer 'MANGANESE (II) ION'
3 non-polymer GLYCEROL
4 non-polymer 1,6-di-O-phosphono-alpha-D-glucopyranose
5 water water
#
_entity_poly.entity_id   1
_entity_poly.type   'polypeptide(L)'
_entity_poly.pdbx_seq_one_letter_code
;GSHMASNKYKRIFLVVMDSVGIGEAPDAEQFGDLGSDTIGHIAEHMNGLQMPNMVKLGLGNIREMKGISKVEKPLGYYTK
MQEKSTGKD(TPO)MTGHWEIMGLYIDTPFQVFPEGFPKELLDELEEKTGRKIIGNKPASGTEILDELGQEQMETGSLIV
YTSADSVLQIAAHEEVVPLDELYKICKIARELTLDEKYMVGRVIARPFVGEPGNFTRTPNRHDYALKPFGRTVMNELKDS
DYDVIAIGKISDIYDGEGVTESLRTKSNMDGMDKLVDTLNMDFTGLSFLNLVDFDALFGHRRDPQGYGEALQEYDARLPE
VFAKLKEDDLLLITADHGNDPIHPGTDHTREYVPLLAYSPSMKEGGQELPLRQTFADIGATVAENFGVKMPEYGTSFLNE
LKK
;
_entity_poly.pdbx_strand_id   A,B,C
#
loop_
_chem_comp.id
_chem_comp.type
_chem_comp.name
_chem_comp.formula
G16 D-saccharide 1,6-di-O-phosphono-alpha-D-glucopyranose 'C6 H13 O12 P2 -1'
GOL non-polymer GLYCEROL 'C3 H8 O3'
MN non-polymer 'MANGANESE (II) ION' 'Mn 2'
#
# COMPACT_ATOMS: atom_id res chain seq x y z
N ASN A 7 -6.71 16.99 43.11
CA ASN A 7 -7.61 17.76 42.20
C ASN A 7 -9.09 17.53 42.49
N LYS A 8 -9.87 18.61 42.46
CA LYS A 8 -11.29 18.57 42.76
C LYS A 8 -12.05 17.73 41.72
N TYR A 9 -11.76 17.99 40.44
CA TYR A 9 -12.34 17.21 39.36
C TYR A 9 -11.24 16.54 38.53
N LYS A 10 -11.46 15.28 38.19
CA LYS A 10 -10.53 14.52 37.36
C LYS A 10 -10.71 14.92 35.89
N ARG A 11 -11.97 15.15 35.50
CA ARG A 11 -12.29 15.49 34.12
C ARG A 11 -13.25 16.65 34.09
N ILE A 12 -12.97 17.62 33.22
CA ILE A 12 -13.89 18.71 32.94
C ILE A 12 -14.33 18.61 31.49
N PHE A 13 -15.65 18.63 31.29
CA PHE A 13 -16.28 18.60 29.98
C PHE A 13 -16.85 19.98 29.70
N LEU A 14 -16.22 20.68 28.77
CA LEU A 14 -16.60 22.04 28.44
C LEU A 14 -17.28 22.04 27.08
N VAL A 15 -18.53 22.52 27.07
CA VAL A 15 -19.33 22.55 25.86
C VAL A 15 -19.62 24.01 25.51
N VAL A 16 -19.15 24.42 24.33
CA VAL A 16 -19.53 25.72 23.78
C VAL A 16 -20.66 25.51 22.77
N MET A 17 -21.82 26.06 23.06
CA MET A 17 -22.94 26.07 22.13
C MET A 17 -22.67 27.34 21.34
N ASP A 18 -22.04 27.19 20.18
CA ASP A 18 -21.51 28.35 19.48
C ASP A 18 -22.61 29.34 19.12
N SER A 19 -22.45 30.57 19.58
CA SER A 19 -23.35 31.71 19.26
C SER A 19 -24.64 31.76 20.07
N VAL A 20 -24.78 30.88 21.07
CA VAL A 20 -26.03 30.81 21.83
C VAL A 20 -26.07 31.87 22.94
N GLY A 21 -26.33 33.10 22.53
CA GLY A 21 -26.30 34.26 23.42
C GLY A 21 -27.58 34.37 24.24
N ILE A 22 -27.49 35.06 25.38
CA ILE A 22 -28.62 35.16 26.31
C ILE A 22 -29.05 36.62 26.59
N GLY A 23 -28.84 37.47 25.58
CA GLY A 23 -29.31 38.86 25.63
C GLY A 23 -28.20 39.88 25.47
N GLU A 24 -28.53 41.02 24.88
CA GLU A 24 -27.55 42.07 24.61
C GLU A 24 -26.67 42.40 25.82
N ALA A 25 -25.37 42.54 25.56
CA ALA A 25 -24.39 42.95 26.56
C ALA A 25 -24.45 44.45 26.83
N PRO A 26 -23.84 44.91 27.95
CA PRO A 26 -23.84 46.34 28.27
C PRO A 26 -23.25 47.21 27.17
N ASP A 27 -22.35 46.64 26.36
CA ASP A 27 -21.70 47.42 25.30
C ASP A 27 -22.19 47.08 23.88
N ALA A 28 -23.39 46.51 23.80
CA ALA A 28 -24.00 46.15 22.51
C ALA A 28 -24.18 47.33 21.55
N GLU A 29 -24.46 48.53 22.07
CA GLU A 29 -24.70 49.69 21.21
C GLU A 29 -23.51 50.00 20.29
N GLN A 30 -22.29 49.93 20.82
CA GLN A 30 -21.04 50.09 20.06
C GLN A 30 -21.00 49.25 18.79
N PHE A 31 -21.66 48.10 18.84
CA PHE A 31 -21.61 47.09 17.77
C PHE A 31 -22.84 47.13 16.86
N GLY A 32 -23.77 48.04 17.15
CA GLY A 32 -25.07 48.04 16.47
C GLY A 32 -25.89 46.82 16.85
N ASP A 33 -25.78 46.40 18.11
CA ASP A 33 -26.43 45.18 18.59
C ASP A 33 -27.50 45.40 19.66
N LEU A 34 -27.98 46.63 19.79
CA LEU A 34 -29.11 46.91 20.70
C LEU A 34 -30.31 46.06 20.31
N GLY A 35 -31.00 45.49 21.31
CA GLY A 35 -32.16 44.65 21.06
C GLY A 35 -31.84 43.18 20.82
N SER A 36 -30.56 42.85 20.65
CA SER A 36 -30.21 41.45 20.34
C SER A 36 -30.50 40.52 21.50
N ASP A 37 -30.88 39.29 21.18
CA ASP A 37 -31.33 38.31 22.15
C ASP A 37 -31.48 36.99 21.41
N THR A 38 -30.42 36.21 21.35
CA THR A 38 -30.42 34.96 20.58
C THR A 38 -31.44 33.95 21.11
N ILE A 39 -31.26 33.45 22.34
CA ILE A 39 -32.19 32.44 22.87
C ILE A 39 -33.62 33.01 22.99
N GLY A 40 -33.72 34.26 23.45
CA GLY A 40 -35.03 34.89 23.70
C GLY A 40 -35.88 35.06 22.45
N HIS A 41 -35.26 35.53 21.37
CA HIS A 41 -35.97 35.70 20.10
C HIS A 41 -36.34 34.35 19.48
N ILE A 42 -35.45 33.36 19.62
CA ILE A 42 -35.77 32.01 19.17
C ILE A 42 -36.95 31.44 19.95
N ALA A 43 -36.91 31.58 21.27
CA ALA A 43 -38.00 31.09 22.13
C ALA A 43 -39.33 31.71 21.74
N GLU A 44 -39.33 33.01 21.40
CA GLU A 44 -40.55 33.67 20.95
C GLU A 44 -41.00 33.11 19.61
N HIS A 45 -40.05 32.91 18.69
CA HIS A 45 -40.39 32.36 17.39
C HIS A 45 -41.05 30.98 17.50
N MET A 46 -40.50 30.15 18.39
CA MET A 46 -40.94 28.76 18.60
C MET A 46 -42.23 28.67 19.40
N ASN A 47 -42.76 29.81 19.83
CA ASN A 47 -43.89 29.85 20.76
C ASN A 47 -43.57 29.05 22.03
N GLY A 48 -42.33 29.17 22.49
CA GLY A 48 -41.84 28.44 23.64
C GLY A 48 -40.86 27.37 23.23
N LEU A 49 -39.60 27.54 23.65
CA LEU A 49 -38.58 26.54 23.40
C LEU A 49 -38.75 25.36 24.34
N GLN A 50 -38.53 24.16 23.81
CA GLN A 50 -38.58 22.94 24.61
C GLN A 50 -37.16 22.49 24.94
N MET A 51 -36.65 23.00 26.06
CA MET A 51 -35.31 22.65 26.51
C MET A 51 -35.35 22.19 27.98
N PRO A 52 -36.09 21.10 28.27
CA PRO A 52 -36.33 20.67 29.66
C PRO A 52 -35.05 20.34 30.43
N ASN A 53 -34.02 19.86 29.73
CA ASN A 53 -32.77 19.48 30.40
C ASN A 53 -31.89 20.66 30.78
N MET A 54 -31.75 21.61 29.86
CA MET A 54 -31.11 22.88 30.18
C MET A 54 -31.88 23.63 31.29
N VAL A 55 -33.21 23.53 31.27
CA VAL A 55 -34.05 24.08 32.35
C VAL A 55 -33.72 23.42 33.70
N LYS A 56 -33.59 22.10 33.69
CA LYS A 56 -33.22 21.37 34.91
C LYS A 56 -31.87 21.81 35.46
N LEU A 57 -30.95 22.16 34.56
CA LEU A 57 -29.63 22.64 34.96
C LEU A 57 -29.67 24.03 35.57
N GLY A 58 -30.65 24.83 35.15
CA GLY A 58 -30.85 26.19 35.68
C GLY A 58 -30.85 27.29 34.64
N LEU A 59 -31.02 26.95 33.36
CA LEU A 59 -31.04 27.97 32.30
C LEU A 59 -32.07 29.09 32.57
N GLY A 60 -33.27 28.72 33.00
CA GLY A 60 -34.32 29.69 33.30
C GLY A 60 -34.02 30.50 34.56
N ASN A 61 -33.21 29.94 35.44
CA ASN A 61 -32.72 30.67 36.61
C ASN A 61 -31.76 31.80 36.23
N ILE A 62 -31.07 31.66 35.10
CA ILE A 62 -30.24 32.74 34.57
C ILE A 62 -31.17 33.83 34.05
N ARG A 63 -32.11 33.41 33.21
CA ARG A 63 -33.07 34.31 32.60
C ARG A 63 -34.28 33.52 32.14
N GLU A 64 -35.48 33.95 32.55
CA GLU A 64 -36.69 33.30 32.08
C GLU A 64 -37.06 33.79 30.69
N MET A 65 -37.35 32.84 29.81
CA MET A 65 -37.71 33.12 28.42
C MET A 65 -38.89 32.21 28.07
N LYS A 66 -39.50 32.42 26.90
CA LYS A 66 -40.70 31.68 26.55
C LYS A 66 -40.44 30.17 26.51
N GLY A 67 -41.13 29.44 27.40
CA GLY A 67 -40.92 27.99 27.54
C GLY A 67 -39.75 27.60 28.44
N ILE A 68 -38.99 28.60 28.88
CA ILE A 68 -37.80 28.37 29.71
C ILE A 68 -37.99 29.07 31.06
N SER A 69 -38.44 28.29 32.05
CA SER A 69 -38.76 28.83 33.37
C SER A 69 -37.72 28.44 34.41
N LYS A 70 -37.64 29.22 35.48
CA LYS A 70 -36.73 28.92 36.59
C LYS A 70 -37.18 27.64 37.30
N VAL A 71 -36.23 26.95 37.92
CA VAL A 71 -36.55 25.82 38.79
C VAL A 71 -36.09 26.08 40.22
N GLU A 72 -36.75 25.43 41.17
CA GLU A 72 -36.46 25.66 42.58
C GLU A 72 -35.13 25.04 42.99
N LYS A 73 -34.79 23.90 42.40
CA LYS A 73 -33.55 23.20 42.72
C LYS A 73 -32.79 22.85 41.44
N PRO A 74 -32.06 23.83 40.87
CA PRO A 74 -31.27 23.53 39.68
C PRO A 74 -30.20 22.46 39.94
N LEU A 75 -29.91 21.65 38.94
CA LEU A 75 -28.95 20.55 39.08
C LEU A 75 -27.56 21.07 39.43
N GLY A 76 -27.19 22.18 38.82
CA GLY A 76 -25.89 22.79 39.03
C GLY A 76 -25.95 24.29 39.26
N TYR A 77 -24.78 24.92 39.18
CA TYR A 77 -24.67 26.36 39.39
C TYR A 77 -24.88 27.10 38.07
N TYR A 78 -25.27 28.35 38.15
CA TYR A 78 -25.67 29.10 36.96
C TYR A 78 -25.38 30.58 37.09
N THR A 79 -25.11 31.20 35.96
CA THR A 79 -24.96 32.66 35.87
C THR A 79 -24.82 32.99 34.38
N LYS A 80 -24.43 34.22 34.08
CA LYS A 80 -24.02 34.52 32.73
C LYS A 80 -22.64 35.14 32.72
N MET A 81 -22.06 35.25 31.54
CA MET A 81 -20.73 35.85 31.40
C MET A 81 -20.77 37.03 30.46
N GLN A 82 -19.95 38.03 30.78
CA GLN A 82 -19.80 39.21 29.97
C GLN A 82 -18.44 39.13 29.27
N GLU A 83 -18.44 39.46 27.98
CA GLU A 83 -17.21 39.50 27.20
C GLU A 83 -16.43 40.79 27.43
N LYS A 84 -15.13 40.66 27.71
CA LYS A 84 -14.27 41.81 27.95
C LYS A 84 -13.48 42.23 26.71
N SER A 85 -13.10 41.25 25.89
CA SER A 85 -12.34 41.53 24.67
C SER A 85 -13.12 42.41 23.69
N THR A 86 -12.41 43.09 22.79
CA THR A 86 -13.01 44.07 21.91
C THR A 86 -14.01 43.47 20.94
N GLY A 87 -13.67 42.31 20.37
CA GLY A 87 -14.46 41.71 19.28
C GLY A 87 -15.53 40.74 19.74
N LYS A 88 -16.42 40.39 18.81
CA LYS A 88 -17.49 39.42 19.06
C LYS A 88 -17.40 38.17 18.15
N ASP A 89 -16.22 37.92 17.59
CA ASP A 89 -15.98 36.78 16.69
C ASP A 89 -15.68 35.50 17.49
N TPO A 90 -15.71 34.35 16.79
CA TPO A 90 -15.45 33.05 17.41
CB TPO A 90 -15.68 31.92 16.40
CG2 TPO A 90 -15.22 30.55 16.92
OG1 TPO A 90 -17.06 31.79 16.11
P TPO A 90 -17.58 31.21 14.68
O1P TPO A 90 -18.19 32.39 13.98
O2P TPO A 90 -18.56 30.15 15.07
O3P TPO A 90 -16.36 30.67 13.96
C TPO A 90 -14.08 32.92 18.04
O TPO A 90 -13.94 32.39 19.15
N MET A 91 -13.04 33.41 17.35
CA MET A 91 -11.69 33.29 17.89
CA MET A 91 -11.65 33.34 17.88
C MET A 91 -11.54 34.09 19.18
N THR A 92 -11.97 35.35 19.16
CA THR A 92 -11.92 36.20 20.34
C THR A 92 -12.62 35.54 21.53
N GLY A 93 -13.86 35.08 21.32
CA GLY A 93 -14.65 34.44 22.37
C GLY A 93 -13.96 33.23 22.95
N HIS A 94 -13.45 32.34 22.08
CA HIS A 94 -12.77 31.13 22.54
C HIS A 94 -11.42 31.43 23.20
N TRP A 95 -10.68 32.39 22.66
CA TRP A 95 -9.40 32.72 23.27
C TRP A 95 -9.59 33.33 24.66
N GLU A 96 -10.66 34.11 24.80
CA GLU A 96 -10.97 34.69 26.11
C GLU A 96 -11.41 33.60 27.10
N ILE A 97 -12.25 32.67 26.66
CA ILE A 97 -12.67 31.54 27.49
C ILE A 97 -11.46 30.82 28.08
N MET A 98 -10.41 30.64 27.26
CA MET A 98 -9.19 29.92 27.70
C MET A 98 -8.08 30.81 28.28
N GLY A 99 -8.47 32.00 28.73
CA GLY A 99 -7.63 32.79 29.63
C GLY A 99 -6.99 34.05 29.09
N LEU A 100 -7.34 34.44 27.86
CA LEU A 100 -6.69 35.58 27.22
C LEU A 100 -7.55 36.84 27.25
N TYR A 101 -6.94 37.95 26.83
CA TYR A 101 -7.69 39.18 26.56
C TYR A 101 -7.26 39.67 25.19
N ILE A 102 -8.22 39.89 24.30
CA ILE A 102 -7.93 40.22 22.91
C ILE A 102 -8.39 41.63 22.56
N ASP A 103 -7.43 42.54 22.42
CA ASP A 103 -7.75 43.94 22.10
C ASP A 103 -8.17 44.14 20.65
N THR A 104 -7.56 43.37 19.75
CA THR A 104 -7.68 43.61 18.32
C THR A 104 -8.69 42.63 17.74
N PRO A 105 -9.82 43.14 17.24
CA PRO A 105 -10.88 42.25 16.77
C PRO A 105 -10.60 41.69 15.38
N PHE A 106 -11.12 40.50 15.11
CA PHE A 106 -11.10 39.97 13.76
C PHE A 106 -12.23 40.58 12.97
N GLN A 107 -11.96 40.90 11.72
CA GLN A 107 -12.90 41.69 10.90
C GLN A 107 -13.77 40.81 9.99
N VAL A 108 -14.98 41.27 9.71
CA VAL A 108 -15.81 40.63 8.68
C VAL A 108 -16.01 41.58 7.51
N PHE A 109 -16.32 41.04 6.35
CA PHE A 109 -16.29 41.81 5.11
C PHE A 109 -17.54 41.63 4.24
N PRO A 110 -18.69 42.15 4.71
CA PRO A 110 -19.96 41.97 3.99
C PRO A 110 -19.99 42.62 2.60
N GLU A 111 -19.08 43.56 2.36
CA GLU A 111 -19.00 44.23 1.06
C GLU A 111 -17.69 43.91 0.35
N GLY A 112 -17.05 42.83 0.78
CA GLY A 112 -15.78 42.38 0.21
C GLY A 112 -14.59 43.03 0.89
N PHE A 113 -13.39 42.67 0.42
CA PHE A 113 -12.14 43.14 1.00
C PHE A 113 -11.73 44.50 0.44
N PRO A 114 -11.05 45.33 1.26
CA PRO A 114 -10.57 46.62 0.79
C PRO A 114 -9.64 46.49 -0.42
N LYS A 115 -9.71 47.45 -1.34
CA LYS A 115 -8.89 47.47 -2.55
C LYS A 115 -7.39 47.39 -2.22
N GLU A 116 -6.97 48.11 -1.19
CA GLU A 116 -5.58 48.10 -0.72
C GLU A 116 -5.02 46.69 -0.46
N LEU A 117 -5.82 45.84 0.16
CA LEU A 117 -5.39 44.46 0.44
C LEU A 117 -5.27 43.65 -0.84
N LEU A 118 -6.30 43.71 -1.68
CA LEU A 118 -6.32 42.97 -2.93
C LEU A 118 -5.25 43.44 -3.90
N ASP A 119 -4.97 44.74 -3.89
CA ASP A 119 -3.91 45.31 -4.71
C ASP A 119 -2.55 44.72 -4.33
N GLU A 120 -2.27 44.62 -3.03
CA GLU A 120 -1.00 44.05 -2.58
C GLU A 120 -0.89 42.55 -2.87
N LEU A 121 -2.00 41.83 -2.74
CA LEU A 121 -2.03 40.41 -3.08
C LEU A 121 -1.74 40.18 -4.57
N GLU A 122 -2.34 40.99 -5.44
CA GLU A 122 -2.04 40.95 -6.89
C GLU A 122 -0.57 41.27 -7.15
N GLU A 123 -0.05 42.28 -6.46
CA GLU A 123 1.32 42.76 -6.62
C GLU A 123 2.34 41.69 -6.23
N LYS A 124 2.02 40.91 -5.20
CA LYS A 124 2.93 39.87 -4.69
C LYS A 124 2.84 38.55 -5.47
N THR A 125 1.68 38.27 -6.06
CA THR A 125 1.44 37.00 -6.72
C THR A 125 1.56 37.03 -8.25
N GLY A 126 1.36 38.21 -8.83
CA GLY A 126 1.35 38.36 -10.29
C GLY A 126 0.10 37.80 -10.93
N ARG A 127 -0.98 37.74 -10.16
CA ARG A 127 -2.25 37.21 -10.64
C ARG A 127 -3.39 38.18 -10.36
N LYS A 128 -4.37 38.20 -11.26
CA LYS A 128 -5.56 39.03 -11.09
C LYS A 128 -6.51 38.39 -10.07
N ILE A 129 -7.26 39.23 -9.37
CA ILE A 129 -8.25 38.74 -8.40
C ILE A 129 -9.66 39.08 -8.88
N ILE A 130 -10.54 38.09 -8.84
CA ILE A 130 -11.95 38.29 -9.20
C ILE A 130 -12.89 37.86 -8.07
N GLY A 131 -14.13 38.33 -8.13
CA GLY A 131 -15.13 37.99 -7.12
C GLY A 131 -15.24 39.04 -6.03
N ASN A 132 -14.52 38.81 -4.93
CA ASN A 132 -14.45 39.75 -3.80
C ASN A 132 -15.80 40.07 -3.16
N LYS A 133 -16.50 39.04 -2.72
CA LYS A 133 -17.79 39.20 -2.07
C LYS A 133 -18.10 37.99 -1.19
N PRO A 134 -19.06 38.14 -0.24
CA PRO A 134 -19.53 36.95 0.45
C PRO A 134 -20.28 36.06 -0.53
N ALA A 135 -19.99 34.76 -0.49
CA ALA A 135 -20.65 33.76 -1.32
C ALA A 135 -20.38 32.37 -0.76
N SER A 136 -21.30 31.44 -1.01
CA SER A 136 -21.01 30.03 -0.77
C SER A 136 -20.04 29.55 -1.86
N GLY A 137 -19.26 28.52 -1.55
CA GLY A 137 -18.36 27.90 -2.52
C GLY A 137 -19.04 27.49 -3.82
N THR A 138 -20.24 26.94 -3.70
CA THR A 138 -21.01 26.49 -4.86
C THR A 138 -21.46 27.66 -5.74
N GLU A 139 -22.00 28.71 -5.12
CA GLU A 139 -22.44 29.91 -5.84
C GLU A 139 -21.31 30.56 -6.62
N ILE A 140 -20.18 30.77 -5.95
CA ILE A 140 -19.05 31.50 -6.53
C ILE A 140 -18.35 30.72 -7.66
N LEU A 141 -18.32 29.39 -7.56
CA LEU A 141 -17.74 28.55 -8.61
C LEU A 141 -18.63 28.49 -9.85
N ASP A 142 -19.94 28.39 -9.62
CA ASP A 142 -20.93 28.44 -10.71
C ASP A 142 -20.79 29.73 -11.49
N GLU A 143 -20.62 30.84 -10.78
CA GLU A 143 -20.53 32.17 -11.39
C GLU A 143 -19.19 32.44 -12.05
N LEU A 144 -18.09 32.04 -11.40
CA LEU A 144 -16.77 32.52 -11.78
C LEU A 144 -15.73 31.44 -12.11
N GLY A 145 -16.09 30.18 -11.89
CA GLY A 145 -15.19 29.05 -12.17
C GLY A 145 -14.62 29.04 -13.58
N GLN A 146 -15.47 29.23 -14.57
CA GLN A 146 -15.03 29.24 -15.97
C GLN A 146 -14.04 30.36 -16.25
N GLU A 147 -14.36 31.57 -15.80
CA GLU A 147 -13.45 32.71 -15.94
C GLU A 147 -12.09 32.42 -15.28
N GLN A 148 -12.14 31.86 -14.08
CA GLN A 148 -10.92 31.49 -13.37
C GLN A 148 -10.03 30.57 -14.22
N MET A 149 -10.63 29.50 -14.75
CA MET A 149 -9.93 28.53 -15.61
C MET A 149 -9.29 29.16 -16.84
N GLU A 150 -9.98 30.10 -17.46
CA GLU A 150 -9.55 30.69 -18.72
C GLU A 150 -8.51 31.80 -18.56
N THR A 151 -8.46 32.41 -17.38
CA THR A 151 -7.62 33.60 -17.15
C THR A 151 -6.47 33.38 -16.17
N GLY A 152 -6.54 32.31 -15.38
CA GLY A 152 -5.55 32.06 -14.32
C GLY A 152 -5.69 33.02 -13.15
N SER A 153 -6.85 33.69 -13.07
CA SER A 153 -7.15 34.59 -11.98
C SER A 153 -7.43 33.82 -10.70
N LEU A 154 -7.49 34.54 -9.59
CA LEU A 154 -7.83 33.95 -8.31
C LEU A 154 -9.21 34.42 -7.92
N ILE A 155 -10.08 33.47 -7.55
CA ILE A 155 -11.38 33.81 -7.01
C ILE A 155 -11.20 34.03 -5.51
N VAL A 156 -11.32 35.28 -5.07
CA VAL A 156 -11.21 35.60 -3.65
C VAL A 156 -12.60 35.91 -3.12
N TYR A 157 -13.01 35.23 -2.07
CA TYR A 157 -14.33 35.47 -1.50
C TYR A 157 -14.35 35.30 0.01
N THR A 158 -15.48 35.64 0.62
CA THR A 158 -15.63 35.52 2.06
C THR A 158 -16.97 34.83 2.42
N SER A 159 -17.20 34.64 3.71
CA SER A 159 -18.48 34.14 4.19
C SER A 159 -19.04 35.20 5.15
N ALA A 160 -19.97 34.81 6.01
CA ALA A 160 -20.43 35.71 7.07
C ALA A 160 -19.43 35.82 8.23
N ASP A 161 -18.47 34.90 8.29
CA ASP A 161 -17.43 34.90 9.33
C ASP A 161 -16.13 35.57 8.85
N SER A 162 -15.14 35.64 9.74
CA SER A 162 -13.88 36.30 9.44
C SER A 162 -12.94 35.38 8.67
N VAL A 163 -13.20 35.24 7.36
CA VAL A 163 -12.39 34.36 6.53
C VAL A 163 -12.07 35.01 5.18
N LEU A 164 -10.93 34.62 4.61
CA LEU A 164 -10.61 34.97 3.23
C LEU A 164 -10.37 33.66 2.50
N GLN A 165 -11.17 33.41 1.47
CA GLN A 165 -11.11 32.13 0.75
C GLN A 165 -10.59 32.37 -0.65
N ILE A 166 -9.66 31.52 -1.09
CA ILE A 166 -9.09 31.62 -2.43
C ILE A 166 -9.33 30.33 -3.21
N ALA A 167 -10.14 30.43 -4.25
CA ALA A 167 -10.46 29.29 -5.10
C ALA A 167 -9.71 29.34 -6.43
N ALA A 168 -9.14 28.20 -6.82
CA ALA A 168 -8.44 28.06 -8.09
C ALA A 168 -8.55 26.62 -8.57
N HIS A 169 -8.68 26.43 -9.88
CA HIS A 169 -8.80 25.10 -10.46
C HIS A 169 -7.46 24.38 -10.39
N GLU A 170 -7.47 23.14 -9.93
CA GLU A 170 -6.26 22.35 -9.72
C GLU A 170 -5.45 22.09 -11.00
N GLU A 171 -6.14 22.12 -12.14
CA GLU A 171 -5.50 21.88 -13.44
C GLU A 171 -5.05 23.18 -14.11
N VAL A 172 -5.30 24.30 -13.45
CA VAL A 172 -4.92 25.62 -13.96
C VAL A 172 -3.90 26.29 -13.04
N VAL A 173 -4.17 26.24 -11.74
CA VAL A 173 -3.25 26.74 -10.73
C VAL A 173 -2.80 25.54 -9.89
N PRO A 174 -1.50 25.15 -10.00
CA PRO A 174 -1.03 23.98 -9.27
C PRO A 174 -1.27 24.15 -7.77
N LEU A 175 -1.63 23.06 -7.11
CA LEU A 175 -1.92 23.10 -5.67
C LEU A 175 -0.85 23.82 -4.85
N ASP A 176 0.41 23.49 -5.06
CA ASP A 176 1.51 24.09 -4.30
CA ASP A 176 1.52 24.09 -4.29
C ASP A 176 1.60 25.60 -4.50
N GLU A 177 1.21 26.06 -5.69
CA GLU A 177 1.15 27.50 -5.98
C GLU A 177 -0.03 28.14 -5.26
N LEU A 178 -1.18 27.47 -5.25
CA LEU A 178 -2.33 27.96 -4.48
C LEU A 178 -1.98 28.09 -3.00
N TYR A 179 -1.28 27.11 -2.45
CA TYR A 179 -0.85 27.14 -1.03
C TYR A 179 0.12 28.29 -0.76
N LYS A 180 1.09 28.49 -1.67
CA LYS A 180 2.01 29.62 -1.60
C LYS A 180 1.28 30.98 -1.62
N ILE A 181 0.30 31.11 -2.50
CA ILE A 181 -0.55 32.31 -2.55
C ILE A 181 -1.31 32.52 -1.24
N CYS A 182 -1.82 31.44 -0.66
CA CYS A 182 -2.60 31.55 0.59
C CYS A 182 -1.72 31.98 1.76
N LYS A 183 -0.47 31.52 1.76
CA LYS A 183 0.48 31.91 2.79
C LYS A 183 0.82 33.39 2.70
N ILE A 184 0.91 33.91 1.48
CA ILE A 184 1.10 35.34 1.25
C ILE A 184 -0.10 36.11 1.78
N ALA A 185 -1.31 35.66 1.43
CA ALA A 185 -2.54 36.27 1.92
C ALA A 185 -2.62 36.23 3.44
N ARG A 186 -2.13 35.13 4.04
CA ARG A 186 -2.10 35.00 5.50
C ARG A 186 -1.20 36.05 6.16
N GLU A 187 -0.08 36.35 5.50
CA GLU A 187 0.86 37.35 6.01
C GLU A 187 0.30 38.76 5.87
N LEU A 188 -0.37 39.03 4.74
CA LEU A 188 -0.93 40.34 4.47
C LEU A 188 -2.09 40.67 5.39
N THR A 189 -2.79 39.63 5.84
CA THR A 189 -3.97 39.80 6.68
C THR A 189 -3.66 39.80 8.19
N LEU A 190 -2.38 39.73 8.56
CA LEU A 190 -1.96 40.03 9.93
C LEU A 190 -1.73 41.54 10.04
N ASP A 191 -2.83 42.26 9.99
CA ASP A 191 -2.84 43.70 9.81
C ASP A 191 -4.22 44.11 10.29
N GLU A 192 -4.27 45.00 11.27
CA GLU A 192 -5.55 45.28 11.92
C GLU A 192 -6.57 46.01 11.02
N LYS A 193 -6.11 46.55 9.90
CA LYS A 193 -7.01 47.14 8.90
C LYS A 193 -7.88 46.08 8.26
N TYR A 194 -7.34 44.88 8.10
CA TYR A 194 -8.10 43.77 7.52
C TYR A 194 -7.71 42.43 8.12
N MET A 195 -7.85 42.32 9.44
CA MET A 195 -7.49 41.11 10.17
C MET A 195 -8.52 40.00 9.97
N VAL A 196 -8.14 38.99 9.20
CA VAL A 196 -9.03 37.84 9.01
C VAL A 196 -8.59 36.69 9.91
N GLY A 197 -9.56 36.00 10.49
CA GLY A 197 -9.26 34.88 11.36
C GLY A 197 -8.56 33.75 10.63
N ARG A 198 -9.01 33.49 9.41
CA ARG A 198 -8.62 32.29 8.68
C ARG A 198 -8.54 32.57 7.18
N VAL A 199 -7.42 32.16 6.57
CA VAL A 199 -7.32 32.11 5.11
C VAL A 199 -7.55 30.65 4.69
N ILE A 200 -8.39 30.43 3.68
CA ILE A 200 -8.69 29.05 3.26
C ILE A 200 -8.39 28.84 1.78
N ALA A 201 -7.54 27.85 1.48
CA ALA A 201 -7.31 27.40 0.12
C ALA A 201 -8.52 26.57 -0.31
N ARG A 202 -9.12 26.91 -1.45
CA ARG A 202 -10.30 26.22 -1.95
C ARG A 202 -10.06 25.69 -3.37
N PRO A 203 -9.17 24.69 -3.51
CA PRO A 203 -8.98 24.12 -4.84
C PRO A 203 -10.25 23.43 -5.35
N PHE A 204 -10.49 23.52 -6.65
CA PHE A 204 -11.62 22.84 -7.25
C PHE A 204 -11.24 22.17 -8.56
N VAL A 205 -12.08 21.23 -8.99
CA VAL A 205 -11.89 20.55 -10.26
C VAL A 205 -13.19 20.55 -11.04
N GLY A 206 -13.16 19.98 -12.24
CA GLY A 206 -14.37 19.83 -13.05
C GLY A 206 -14.43 20.76 -14.24
N GLU A 207 -15.61 20.85 -14.83
CA GLU A 207 -15.85 21.65 -16.02
C GLU A 207 -17.01 22.61 -15.74
N PRO A 208 -17.18 23.67 -16.57
CA PRO A 208 -18.27 24.61 -16.37
C PRO A 208 -19.62 23.90 -16.22
N GLY A 209 -20.35 24.24 -15.16
CA GLY A 209 -21.63 23.61 -14.84
C GLY A 209 -21.50 22.33 -14.02
N ASN A 210 -20.28 22.00 -13.63
CA ASN A 210 -20.00 20.81 -12.82
C ASN A 210 -18.68 20.90 -12.05
N PHE A 211 -18.51 21.99 -11.31
CA PHE A 211 -17.31 22.18 -10.49
C PHE A 211 -17.53 21.64 -9.10
N THR A 212 -16.49 21.00 -8.55
CA THR A 212 -16.52 20.53 -7.17
C THR A 212 -15.23 20.89 -6.47
N ARG A 213 -15.36 21.39 -5.24
CA ARG A 213 -14.20 21.64 -4.39
C ARG A 213 -13.61 20.30 -3.94
N THR A 214 -12.28 20.24 -3.87
CA THR A 214 -11.60 19.00 -3.52
C THR A 214 -11.21 18.97 -2.03
N PRO A 215 -10.96 17.76 -1.49
CA PRO A 215 -10.43 17.66 -0.13
C PRO A 215 -9.01 18.21 0.05
N ASN A 216 -8.47 18.85 -0.99
CA ASN A 216 -7.14 19.46 -0.91
C ASN A 216 -7.17 20.84 -0.26
N ARG A 217 -8.34 21.21 0.23
CA ARG A 217 -8.53 22.40 1.04
C ARG A 217 -7.54 22.43 2.20
N HIS A 218 -6.96 23.60 2.43
CA HIS A 218 -6.02 23.83 3.54
CA HIS A 218 -6.08 23.81 3.57
C HIS A 218 -6.39 25.13 4.24
N ASP A 219 -6.32 25.14 5.57
CA ASP A 219 -6.61 26.35 6.36
C ASP A 219 -5.35 26.99 6.92
N TYR A 220 -5.34 28.32 6.95
CA TYR A 220 -4.22 29.07 7.51
C TYR A 220 -4.74 29.96 8.64
N ALA A 221 -4.61 29.45 9.86
CA ALA A 221 -5.17 30.11 11.04
C ALA A 221 -4.08 30.89 11.79
N LEU A 222 -4.52 31.79 12.66
CA LEU A 222 -3.60 32.51 13.54
C LEU A 222 -3.59 31.81 14.88
N LYS A 223 -2.42 31.75 15.52
CA LYS A 223 -2.32 31.22 16.88
C LYS A 223 -2.94 32.24 17.86
N PRO A 224 -3.48 31.75 18.99
CA PRO A 224 -4.01 32.67 20.00
C PRO A 224 -2.93 33.66 20.42
N PHE A 225 -3.36 34.89 20.74
CA PHE A 225 -2.42 35.95 21.12
C PHE A 225 -2.00 35.77 22.58
N GLY A 226 -1.36 34.65 22.86
CA GLY A 226 -0.93 34.31 24.21
C GLY A 226 -0.99 32.82 24.44
N ARG A 227 -0.24 32.33 25.42
CA ARG A 227 -0.34 30.93 25.82
CA ARG A 227 -0.32 30.93 25.85
C ARG A 227 -1.58 30.75 26.68
N THR A 228 -2.43 29.81 26.29
CA THR A 228 -3.72 29.63 26.92
C THR A 228 -3.67 28.59 28.03
N VAL A 229 -4.79 28.46 28.74
CA VAL A 229 -4.91 27.42 29.77
C VAL A 229 -4.73 26.03 29.15
N MET A 230 -5.16 25.87 27.90
CA MET A 230 -4.93 24.63 27.14
C MET A 230 -3.44 24.32 26.98
N ASN A 231 -2.66 25.32 26.59
CA ASN A 231 -1.19 25.17 26.53
C ASN A 231 -0.64 24.67 27.88
N GLU A 232 -1.12 25.28 28.96
CA GLU A 232 -0.62 24.93 30.29
C GLU A 232 -1.02 23.52 30.72
N LEU A 233 -2.22 23.09 30.34
CA LEU A 233 -2.66 21.72 30.64
C LEU A 233 -1.79 20.72 29.88
N LYS A 234 -1.60 20.96 28.59
CA LYS A 234 -0.76 20.08 27.76
C LYS A 234 0.68 20.00 28.30
N ASP A 235 1.21 21.15 28.70
CA ASP A 235 2.60 21.22 29.20
C ASP A 235 2.77 20.51 30.55
N SER A 236 1.65 20.31 31.25
CA SER A 236 1.66 19.58 32.53
C SER A 236 1.18 18.14 32.39
N ASP A 237 1.17 17.65 31.15
CA ASP A 237 0.88 16.25 30.82
CA ASP A 237 0.88 16.24 30.83
C ASP A 237 -0.57 15.85 31.09
N TYR A 238 -1.47 16.82 31.04
CA TYR A 238 -2.90 16.53 31.10
C TYR A 238 -3.41 16.28 29.68
N ASP A 239 -4.54 15.60 29.59
CA ASP A 239 -5.22 15.39 28.33
C ASP A 239 -6.00 16.64 27.97
N VAL A 240 -5.93 17.05 26.71
CA VAL A 240 -6.77 18.12 26.19
C VAL A 240 -7.39 17.64 24.89
N ILE A 241 -8.62 17.15 25.00
CA ILE A 241 -9.30 16.53 23.88
C ILE A 241 -10.22 17.57 23.26
N ALA A 242 -9.89 17.95 22.02
CA ALA A 242 -10.65 18.96 21.27
C ALA A 242 -11.64 18.27 20.35
N ILE A 243 -12.90 18.69 20.42
CA ILE A 243 -13.97 18.09 19.61
C ILE A 243 -14.59 19.13 18.69
N GLY A 244 -14.64 18.81 17.40
CA GLY A 244 -15.23 19.72 16.42
C GLY A 244 -14.23 20.77 16.00
N LYS A 245 -14.70 22.02 15.95
CA LYS A 245 -13.87 23.14 15.48
C LYS A 245 -12.82 23.63 16.49
N ILE A 246 -12.86 23.07 17.71
CA ILE A 246 -11.97 23.53 18.78
C ILE A 246 -10.49 23.56 18.37
N SER A 247 -9.96 22.47 17.81
CA SER A 247 -8.55 22.47 17.44
C SER A 247 -8.26 23.60 16.44
N ASP A 248 -9.10 23.73 15.41
CA ASP A 248 -8.94 24.79 14.42
C ASP A 248 -8.96 26.19 15.06
N ILE A 249 -9.91 26.42 15.97
CA ILE A 249 -10.08 27.73 16.60
C ILE A 249 -8.82 28.16 17.37
N TYR A 250 -8.13 27.19 17.97
CA TYR A 250 -6.88 27.46 18.72
C TYR A 250 -5.63 27.13 17.92
N ASP A 251 -5.79 26.87 16.62
CA ASP A 251 -4.70 26.39 15.76
C ASP A 251 -3.88 25.27 16.41
N GLY A 252 -4.58 24.36 17.09
CA GLY A 252 -3.95 23.19 17.72
C GLY A 252 -3.19 23.45 19.00
N GLU A 253 -3.20 24.70 19.47
CA GLU A 253 -2.39 25.06 20.64
C GLU A 253 -2.93 24.42 21.92
N GLY A 254 -2.12 23.58 22.53
CA GLY A 254 -2.51 22.91 23.77
C GLY A 254 -3.35 21.65 23.57
N VAL A 255 -3.55 21.24 22.32
CA VAL A 255 -4.42 20.12 22.00
C VAL A 255 -3.62 18.80 21.98
N THR A 256 -4.10 17.79 22.72
CA THR A 256 -3.43 16.47 22.72
C THR A 256 -4.14 15.44 21.82
N GLU A 257 -5.43 15.62 21.62
CA GLU A 257 -6.22 14.78 20.71
C GLU A 257 -7.31 15.62 20.08
N SER A 258 -7.56 15.41 18.78
CA SER A 258 -8.60 16.13 18.09
C SER A 258 -9.57 15.18 17.39
N LEU A 259 -10.86 15.42 17.62
CA LEU A 259 -11.93 14.59 17.05
C LEU A 259 -12.82 15.44 16.14
N ARG A 260 -12.74 15.19 14.84
CA ARG A 260 -13.56 15.91 13.86
C ARG A 260 -15.04 15.54 14.03
N THR A 261 -15.92 16.53 13.83
CA THR A 261 -17.36 16.27 13.84
C THR A 261 -18.03 16.85 12.60
N LYS A 262 -19.18 16.28 12.23
CA LYS A 262 -19.88 16.64 10.99
C LYS A 262 -21.20 17.38 11.24
N SER A 263 -21.63 17.39 12.50
CA SER A 263 -22.93 17.93 12.89
C SER A 263 -22.97 18.07 14.41
N ASN A 264 -23.97 18.80 14.91
CA ASN A 264 -24.19 18.92 16.35
C ASN A 264 -24.43 17.56 16.99
N MET A 265 -25.24 16.71 16.35
CA MET A 265 -25.50 15.38 16.91
C MET A 265 -24.22 14.54 16.96
N ASP A 266 -23.40 14.64 15.92
CA ASP A 266 -22.11 13.97 15.88
C ASP A 266 -21.19 14.52 16.97
N GLY A 267 -21.26 15.84 17.21
CA GLY A 267 -20.53 16.46 18.31
C GLY A 267 -20.92 15.87 19.65
N MET A 268 -22.22 15.69 19.88
CA MET A 268 -22.67 15.05 21.12
C MET A 268 -22.22 13.58 21.20
N ASP A 269 -22.17 12.89 20.06
CA ASP A 269 -21.67 11.51 20.03
C ASP A 269 -20.21 11.46 20.42
N LYS A 270 -19.42 12.44 19.96
CA LYS A 270 -18.00 12.47 20.31
C LYS A 270 -17.80 12.85 21.79
N LEU A 271 -18.67 13.71 22.32
CA LEU A 271 -18.66 14.04 23.74
C LEU A 271 -18.87 12.76 24.56
N VAL A 272 -19.86 11.97 24.15
CA VAL A 272 -20.16 10.68 24.78
C VAL A 272 -18.95 9.75 24.66
N ASP A 273 -18.30 9.75 23.50
CA ASP A 273 -17.05 8.99 23.32
C ASP A 273 -16.00 9.37 24.35
N THR A 274 -15.88 10.67 24.64
CA THR A 274 -14.90 11.12 25.63
C THR A 274 -15.29 10.76 27.07
N LEU A 275 -16.60 10.76 27.37
CA LEU A 275 -17.07 10.27 28.67
C LEU A 275 -16.65 8.82 28.88
N ASN A 276 -16.60 8.06 27.79
CA ASN A 276 -16.19 6.66 27.84
C ASN A 276 -14.68 6.45 27.90
N MET A 277 -13.92 7.53 27.79
CA MET A 277 -12.46 7.47 27.81
C MET A 277 -11.91 7.72 29.22
N ASP A 278 -10.89 6.96 29.59
CA ASP A 278 -10.16 7.22 30.81
C ASP A 278 -9.12 8.31 30.52
N PHE A 279 -9.46 9.54 30.88
CA PHE A 279 -8.52 10.64 30.73
C PHE A 279 -8.52 11.50 31.99
N THR A 280 -7.52 12.36 32.11
CA THR A 280 -7.46 13.32 33.19
C THR A 280 -7.14 14.67 32.56
N GLY A 281 -8.04 15.63 32.71
CA GLY A 281 -7.91 16.91 32.02
C GLY A 281 -9.21 17.40 31.42
N LEU A 282 -9.12 17.93 30.20
CA LEU A 282 -10.22 18.66 29.59
C LEU A 282 -10.71 18.03 28.28
N SER A 283 -12.02 17.89 28.17
CA SER A 283 -12.67 17.54 26.92
C SER A 283 -13.50 18.76 26.53
N PHE A 284 -13.23 19.28 25.33
CA PHE A 284 -13.69 20.62 24.94
C PHE A 284 -14.41 20.49 23.60
N LEU A 285 -15.73 20.67 23.63
CA LEU A 285 -16.59 20.52 22.46
C LEU A 285 -17.11 21.87 21.97
N ASN A 286 -17.08 22.07 20.65
CA ASN A 286 -17.78 23.20 20.02
C ASN A 286 -18.93 22.64 19.18
N LEU A 287 -20.14 23.12 19.47
CA LEU A 287 -21.32 22.79 18.66
C LEU A 287 -21.57 23.95 17.71
N VAL A 288 -21.12 23.78 16.47
CA VAL A 288 -21.02 24.92 15.55
C VAL A 288 -22.27 25.18 14.72
N ASP A 289 -23.16 24.18 14.59
CA ASP A 289 -24.33 24.29 13.70
C ASP A 289 -25.18 25.51 14.01
N PHE A 290 -25.32 25.83 15.30
CA PHE A 290 -26.11 26.97 15.75
C PHE A 290 -25.70 28.25 15.03
N ASP A 291 -24.38 28.46 14.96
CA ASP A 291 -23.81 29.63 14.33
C ASP A 291 -23.85 29.50 12.80
N ALA A 292 -23.32 28.39 12.30
CA ALA A 292 -23.05 28.24 10.87
C ALA A 292 -24.31 28.03 10.01
N LEU A 293 -25.25 27.25 10.52
CA LEU A 293 -26.43 26.90 9.75
C LEU A 293 -27.64 27.80 10.02
N PHE A 294 -27.69 28.40 11.20
CA PHE A 294 -28.91 29.05 11.66
C PHE A 294 -28.76 30.51 12.04
N GLY A 295 -27.75 30.83 12.83
CA GLY A 295 -27.52 32.23 13.21
C GLY A 295 -27.24 33.11 11.99
N HIS A 296 -26.20 32.75 11.23
CA HIS A 296 -25.79 33.54 10.08
C HIS A 296 -26.83 33.58 8.96
N ARG A 297 -27.57 32.49 8.80
CA ARG A 297 -28.62 32.39 7.77
C ARG A 297 -29.93 33.00 8.25
N ARG A 298 -29.93 33.55 9.48
CA ARG A 298 -31.09 34.22 10.06
C ARG A 298 -32.35 33.34 9.95
N ASP A 299 -32.22 32.14 10.54
CA ASP A 299 -33.22 31.08 10.44
C ASP A 299 -33.63 30.69 11.86
N PRO A 300 -34.57 31.44 12.47
CA PRO A 300 -34.97 31.12 13.85
C PRO A 300 -35.61 29.75 14.03
N GLN A 301 -36.34 29.27 13.02
CA GLN A 301 -36.97 27.95 13.11
C GLN A 301 -35.93 26.83 13.20
N GLY A 302 -34.96 26.87 12.28
CA GLY A 302 -33.89 25.88 12.27
C GLY A 302 -33.07 25.95 13.53
N TYR A 303 -32.84 27.17 14.02
CA TYR A 303 -32.08 27.37 15.25
C TYR A 303 -32.82 26.75 16.44
N GLY A 304 -34.11 27.03 16.54
CA GLY A 304 -34.96 26.48 17.61
C GLY A 304 -34.96 24.97 17.59
N GLU A 305 -35.16 24.40 16.41
CA GLU A 305 -35.16 22.95 16.27
C GLU A 305 -33.82 22.36 16.70
N ALA A 306 -32.71 23.02 16.35
CA ALA A 306 -31.38 22.54 16.70
C ALA A 306 -31.17 22.58 18.22
N LEU A 307 -31.68 23.63 18.86
CA LEU A 307 -31.58 23.74 20.30
C LEU A 307 -32.34 22.61 21.01
N GLN A 308 -33.51 22.28 20.47
CA GLN A 308 -34.34 21.19 21.01
C GLN A 308 -33.67 19.82 20.78
N GLU A 309 -33.02 19.68 19.63
CA GLU A 309 -32.29 18.45 19.32
C GLU A 309 -31.11 18.24 20.26
N TYR A 310 -30.37 19.31 20.50
CA TYR A 310 -29.26 19.30 21.46
C TYR A 310 -29.75 18.97 22.88
N ASP A 311 -30.85 19.60 23.30
CA ASP A 311 -31.35 19.41 24.67
C ASP A 311 -31.71 17.95 24.93
N ALA A 312 -32.29 17.29 23.94
CA ALA A 312 -32.72 15.90 24.09
C ALA A 312 -31.55 14.92 24.27
N ARG A 313 -30.33 15.37 23.95
CA ARG A 313 -29.16 14.51 24.07
C ARG A 313 -28.59 14.50 25.48
N LEU A 314 -28.92 15.55 26.25
CA LEU A 314 -28.31 15.78 27.56
C LEU A 314 -28.51 14.71 28.64
N PRO A 315 -29.70 14.07 28.73
CA PRO A 315 -29.84 13.09 29.81
C PRO A 315 -28.82 11.96 29.76
N GLU A 316 -28.39 11.57 28.57
CA GLU A 316 -27.36 10.53 28.45
C GLU A 316 -26.03 11.03 29.02
N VAL A 317 -25.73 12.31 28.77
CA VAL A 317 -24.54 12.96 29.32
C VAL A 317 -24.62 12.96 30.85
N PHE A 318 -25.79 13.35 31.38
CA PHE A 318 -25.98 13.36 32.83
C PHE A 318 -25.73 11.99 33.45
N ALA A 319 -26.23 10.94 32.79
CA ALA A 319 -26.10 9.57 33.26
C ALA A 319 -24.65 9.07 33.30
N LYS A 320 -23.80 9.61 32.44
CA LYS A 320 -22.41 9.16 32.33
C LYS A 320 -21.42 9.94 33.19
N LEU A 321 -21.80 11.14 33.62
CA LEU A 321 -20.92 11.94 34.48
C LEU A 321 -20.65 11.23 35.79
N LYS A 322 -19.37 11.21 36.18
CA LYS A 322 -18.96 10.63 37.45
C LYS A 322 -18.90 11.71 38.53
N GLU A 323 -18.74 11.29 39.78
CA GLU A 323 -18.68 12.21 40.92
C GLU A 323 -17.58 13.25 40.80
N ASP A 324 -16.45 12.86 40.20
CA ASP A 324 -15.33 13.77 40.00
C ASP A 324 -15.23 14.31 38.57
N ASP A 325 -16.38 14.37 37.88
CA ASP A 325 -16.51 15.08 36.60
C ASP A 325 -17.25 16.39 36.77
N LEU A 326 -16.83 17.39 36.02
CA LEU A 326 -17.54 18.66 35.96
C LEU A 326 -17.95 18.95 34.52
N LEU A 327 -19.23 19.26 34.34
CA LEU A 327 -19.77 19.69 33.06
C LEU A 327 -19.97 21.21 33.06
N LEU A 328 -19.42 21.87 32.06
CA LEU A 328 -19.56 23.31 31.87
C LEU A 328 -20.18 23.57 30.51
N ILE A 329 -21.27 24.34 30.49
CA ILE A 329 -21.95 24.67 29.25
C ILE A 329 -22.01 26.18 29.12
N THR A 330 -21.55 26.68 27.98
CA THR A 330 -21.51 28.11 27.74
C THR A 330 -21.63 28.42 26.24
N ALA A 331 -21.36 29.67 25.87
CA ALA A 331 -21.33 30.07 24.47
C ALA A 331 -20.19 31.08 24.30
N ASP A 332 -19.91 31.48 23.06
CA ASP A 332 -18.76 32.34 22.76
C ASP A 332 -19.09 33.75 22.28
N HIS A 333 -20.38 34.00 22.03
CA HIS A 333 -20.97 35.29 21.61
C HIS A 333 -22.45 34.99 21.33
N GLY A 334 -23.17 35.97 20.77
CA GLY A 334 -24.52 35.71 20.25
C GLY A 334 -24.52 35.70 18.73
N ASN A 335 -25.62 35.24 18.14
CA ASN A 335 -25.83 35.37 16.70
C ASN A 335 -27.34 35.30 16.47
N ASP A 336 -27.99 36.41 16.81
CA ASP A 336 -29.44 36.48 16.91
C ASP A 336 -30.04 36.30 15.51
N PRO A 337 -30.82 35.22 15.29
CA PRO A 337 -31.33 34.93 13.94
C PRO A 337 -32.48 35.83 13.50
N ILE A 338 -32.90 36.75 14.36
CA ILE A 338 -33.83 37.82 14.00
C ILE A 338 -33.16 39.15 14.36
N HIS A 339 -32.08 39.44 13.62
CA HIS A 339 -31.30 40.67 13.76
C HIS A 339 -30.88 41.07 12.36
N PRO A 340 -30.73 42.38 12.09
CA PRO A 340 -30.29 42.79 10.75
C PRO A 340 -28.90 42.27 10.41
N GLY A 341 -28.61 42.17 9.11
CA GLY A 341 -27.26 41.80 8.66
C GLY A 341 -26.97 40.32 8.81
N THR A 342 -25.69 39.98 8.75
CA THR A 342 -25.26 38.58 8.85
C THR A 342 -24.22 38.33 9.94
N ASP A 343 -23.90 39.36 10.72
CA ASP A 343 -22.82 39.26 11.72
C ASP A 343 -23.33 38.72 13.04
N HIS A 344 -22.38 38.33 13.90
CA HIS A 344 -22.67 37.96 15.28
C HIS A 344 -23.29 39.13 16.04
N THR A 345 -23.80 38.86 17.23
CA THR A 345 -24.35 39.89 18.10
C THR A 345 -23.64 39.89 19.45
N ARG A 346 -23.43 41.09 19.99
CA ARG A 346 -22.69 41.27 21.25
C ARG A 346 -23.63 41.01 22.44
N GLU A 347 -23.54 39.81 22.99
CA GLU A 347 -24.47 39.36 24.02
C GLU A 347 -23.74 38.75 25.20
N TYR A 348 -24.40 38.73 26.35
CA TYR A 348 -24.00 37.85 27.44
C TYR A 348 -24.12 36.41 26.94
N VAL A 349 -23.39 35.51 27.58
CA VAL A 349 -23.51 34.07 27.29
C VAL A 349 -23.88 33.34 28.58
N PRO A 350 -24.69 32.26 28.47
CA PRO A 350 -25.03 31.52 29.68
C PRO A 350 -23.83 30.75 30.21
N LEU A 351 -23.85 30.44 31.50
CA LEU A 351 -22.88 29.55 32.11
C LEU A 351 -23.62 28.61 33.05
N LEU A 352 -23.48 27.31 32.79
CA LEU A 352 -24.02 26.27 33.66
C LEU A 352 -22.88 25.36 34.07
N ALA A 353 -22.82 25.04 35.36
CA ALA A 353 -21.73 24.24 35.90
C ALA A 353 -22.30 23.12 36.78
N TYR A 354 -22.18 21.88 36.31
CA TYR A 354 -22.84 20.76 36.95
C TYR A 354 -21.93 19.57 37.14
N SER A 355 -21.94 19.03 38.36
CA SER A 355 -21.33 17.75 38.68
C SER A 355 -22.30 16.95 39.54
N PRO A 356 -22.40 15.63 39.31
CA PRO A 356 -23.25 14.78 40.15
C PRO A 356 -22.90 14.86 41.63
N SER A 357 -21.67 15.28 41.94
CA SER A 357 -21.26 15.45 43.35
C SER A 357 -21.97 16.61 44.05
N MET A 358 -22.64 17.47 43.28
CA MET A 358 -23.44 18.56 43.84
C MET A 358 -24.76 18.01 44.38
N LYS A 359 -24.70 17.36 45.53
CA LYS A 359 -25.82 16.57 46.04
C LYS A 359 -27.08 17.38 46.42
N GLU A 360 -26.91 18.64 46.77
CA GLU A 360 -28.07 19.50 47.08
C GLU A 360 -28.37 20.52 45.97
N GLY A 361 -27.88 20.25 44.77
CA GLY A 361 -28.08 21.14 43.63
C GLY A 361 -27.19 22.37 43.67
N GLY A 362 -27.45 23.31 42.76
CA GLY A 362 -26.60 24.48 42.63
C GLY A 362 -27.25 25.78 43.06
N GLN A 363 -26.49 26.86 42.92
CA GLN A 363 -26.91 28.20 43.31
C GLN A 363 -26.46 29.19 42.23
N GLU A 364 -26.93 30.43 42.34
CA GLU A 364 -26.47 31.47 41.42
C GLU A 364 -25.03 31.88 41.74
N LEU A 365 -24.21 31.91 40.70
CA LEU A 365 -22.84 32.44 40.78
C LEU A 365 -22.87 33.93 40.49
N PRO A 366 -21.91 34.69 41.05
CA PRO A 366 -21.80 36.08 40.64
C PRO A 366 -21.54 36.12 39.13
N LEU A 367 -22.07 37.15 38.48
CA LEU A 367 -21.86 37.32 37.04
C LEU A 367 -20.37 37.29 36.71
N ARG A 368 -20.01 36.51 35.69
CA ARG A 368 -18.60 36.41 35.29
C ARG A 368 -18.24 37.63 34.45
N GLN A 369 -17.26 38.40 34.91
CA GLN A 369 -16.92 39.68 34.29
C GLN A 369 -16.02 39.55 33.06
N THR A 370 -15.50 38.34 32.84
CA THR A 370 -14.78 37.98 31.61
C THR A 370 -15.01 36.49 31.35
N PHE A 371 -15.04 36.10 30.06
CA PHE A 371 -15.13 34.67 29.72
C PHE A 371 -13.96 33.90 30.31
N ALA A 372 -12.86 34.59 30.61
CA ALA A 372 -11.63 33.97 31.12
C ALA A 372 -11.80 33.33 32.51
N ASP A 373 -12.95 33.62 33.14
CA ASP A 373 -13.31 32.96 34.41
C ASP A 373 -13.39 31.44 34.22
N ILE A 374 -13.82 30.99 33.05
CA ILE A 374 -13.78 29.56 32.74
C ILE A 374 -12.35 29.00 32.75
N GLY A 375 -11.47 29.58 31.94
CA GLY A 375 -10.04 29.23 31.92
C GLY A 375 -9.42 29.23 33.31
N ALA A 376 -9.69 30.28 34.09
CA ALA A 376 -9.17 30.38 35.46
C ALA A 376 -9.65 29.23 36.34
N THR A 377 -10.91 28.85 36.18
CA THR A 377 -11.49 27.73 36.95
C THR A 377 -10.83 26.39 36.58
N VAL A 378 -10.69 26.13 35.29
CA VAL A 378 -9.99 24.95 34.77
C VAL A 378 -8.54 24.90 35.26
N ALA A 379 -7.83 26.04 35.17
CA ALA A 379 -6.45 26.13 35.63
C ALA A 379 -6.30 25.81 37.11
N GLU A 380 -7.17 26.41 37.94
CA GLU A 380 -7.12 26.16 39.38
C GLU A 380 -7.40 24.70 39.69
N ASN A 381 -8.40 24.13 39.03
CA ASN A 381 -8.75 22.73 39.24
C ASN A 381 -7.56 21.79 39.04
N PHE A 382 -6.83 22.01 37.96
CA PHE A 382 -5.74 21.12 37.57
C PHE A 382 -4.37 21.54 38.09
N GLY A 383 -4.33 22.63 38.86
CA GLY A 383 -3.11 23.08 39.52
C GLY A 383 -2.04 23.58 38.55
N VAL A 384 -2.47 24.09 37.40
CA VAL A 384 -1.53 24.66 36.44
C VAL A 384 -1.49 26.19 36.56
N LYS A 385 -0.51 26.80 35.88
CA LYS A 385 -0.33 28.24 35.97
C LYS A 385 -1.64 28.99 35.68
N MET A 386 -2.02 29.86 36.60
CA MET A 386 -3.25 30.66 36.44
C MET A 386 -3.13 31.65 35.29
N PRO A 387 -4.21 31.84 34.52
CA PRO A 387 -4.12 32.82 33.44
C PRO A 387 -4.02 34.26 33.98
N GLU A 388 -3.57 35.16 33.12
CA GLU A 388 -3.41 36.57 33.49
C GLU A 388 -4.77 37.22 33.79
N TYR A 389 -5.79 36.76 33.10
CA TYR A 389 -7.16 37.30 33.21
C TYR A 389 -8.08 36.20 33.72
N GLY A 390 -9.15 36.60 34.38
CA GLY A 390 -10.14 35.62 34.82
C GLY A 390 -10.05 35.34 36.31
N THR A 391 -11.21 35.10 36.90
CA THR A 391 -11.34 34.78 38.31
C THR A 391 -12.04 33.45 38.42
N SER A 392 -11.38 32.50 39.09
CA SER A 392 -11.92 31.15 39.22
C SER A 392 -13.19 31.15 40.09
N PHE A 393 -14.14 30.31 39.70
CA PHE A 393 -15.32 30.04 40.53
C PHE A 393 -15.31 28.62 41.10
N LEU A 394 -14.14 27.96 41.05
CA LEU A 394 -14.01 26.58 41.52
C LEU A 394 -14.47 26.42 42.98
N ASN A 395 -14.04 27.33 43.84
CA ASN A 395 -14.40 27.29 45.26
C ASN A 395 -15.90 27.47 45.54
N GLU A 396 -16.61 28.11 44.63
CA GLU A 396 -18.05 28.31 44.75
C GLU A 396 -18.87 27.05 44.49
N LEU A 397 -18.29 26.13 43.71
CA LEU A 397 -19.00 24.90 43.32
C LEU A 397 -19.01 23.87 44.45
N LYS B 8 27.85 -32.60 0.09
CA LYS B 8 27.13 -33.66 0.84
C LYS B 8 25.68 -33.78 0.34
N TYR B 9 24.87 -32.77 0.60
CA TYR B 9 23.49 -32.76 0.15
C TYR B 9 23.35 -31.93 -1.11
N LYS B 10 22.65 -32.47 -2.10
CA LYS B 10 22.36 -31.75 -3.34
C LYS B 10 21.31 -30.68 -3.10
N ARG B 11 20.34 -31.00 -2.24
CA ARG B 11 19.20 -30.12 -1.98
C ARG B 11 18.97 -30.06 -0.49
N ILE B 12 18.72 -28.86 -0.01
CA ILE B 12 18.29 -28.66 1.38
C ILE B 12 16.91 -28.00 1.35
N PHE B 13 15.98 -28.60 2.08
CA PHE B 13 14.62 -28.11 2.21
C PHE B 13 14.48 -27.58 3.62
N LEU B 14 14.30 -26.26 3.74
CA LEU B 14 14.22 -25.61 5.04
C LEU B 14 12.80 -25.10 5.23
N VAL B 15 12.17 -25.54 6.32
CA VAL B 15 10.80 -25.19 6.61
C VAL B 15 10.78 -24.41 7.92
N VAL B 16 10.31 -23.16 7.85
CA VAL B 16 10.04 -22.37 9.05
C VAL B 16 8.55 -22.46 9.36
N MET B 17 8.24 -23.08 10.50
CA MET B 17 6.88 -23.09 11.01
C MET B 17 6.82 -21.78 11.77
N ASP B 18 6.23 -20.76 11.16
CA ASP B 18 6.35 -19.42 11.71
C ASP B 18 5.71 -19.33 13.10
N SER B 19 6.52 -18.89 14.07
CA SER B 19 6.11 -18.63 15.45
C SER B 19 5.99 -19.87 16.35
N VAL B 20 6.34 -21.04 15.83
CA VAL B 20 6.15 -22.28 16.58
C VAL B 20 7.29 -22.49 17.59
N GLY B 21 7.20 -21.75 18.69
CA GLY B 21 8.23 -21.75 19.73
C GLY B 21 8.14 -22.94 20.66
N ILE B 22 9.26 -23.26 21.33
CA ILE B 22 9.29 -24.45 22.18
C ILE B 22 9.70 -24.14 23.64
N GLY B 23 9.34 -22.94 24.09
CA GLY B 23 9.52 -22.57 25.50
C GLY B 23 10.37 -21.33 25.68
N GLU B 24 10.08 -20.59 26.75
CA GLU B 24 10.74 -19.29 26.99
C GLU B 24 12.27 -19.39 26.93
N ALA B 25 12.89 -18.40 26.29
CA ALA B 25 14.34 -18.30 26.17
C ALA B 25 14.97 -17.76 27.46
N PRO B 26 16.30 -17.93 27.63
CA PRO B 26 16.93 -17.43 28.85
C PRO B 26 16.72 -15.93 29.09
N ASP B 27 16.54 -15.16 28.02
CA ASP B 27 16.35 -13.71 28.15
C ASP B 27 14.90 -13.25 27.99
N ALA B 28 13.95 -14.16 28.20
CA ALA B 28 12.51 -13.86 28.06
C ALA B 28 12.01 -12.73 28.96
N GLU B 29 12.59 -12.60 30.17
CA GLU B 29 12.11 -11.61 31.14
C GLU B 29 12.15 -10.17 30.62
N GLN B 30 13.20 -9.83 29.88
CA GLN B 30 13.37 -8.45 29.40
C GLN B 30 12.37 -8.10 28.29
N PHE B 31 11.65 -9.10 27.80
CA PHE B 31 10.58 -8.93 26.82
C PHE B 31 9.19 -9.05 27.45
N GLY B 32 9.13 -9.34 28.75
CA GLY B 32 7.87 -9.62 29.44
C GLY B 32 7.29 -10.96 29.06
N ASP B 33 8.16 -11.88 28.67
CA ASP B 33 7.76 -13.18 28.14
C ASP B 33 8.01 -14.39 29.05
N LEU B 34 8.23 -14.15 30.34
CA LEU B 34 8.33 -15.26 31.30
C LEU B 34 7.07 -16.13 31.21
N GLY B 35 7.27 -17.45 31.27
CA GLY B 35 6.17 -18.40 31.23
C GLY B 35 5.67 -18.77 29.85
N SER B 36 6.21 -18.12 28.81
CA SER B 36 5.78 -18.40 27.44
C SER B 36 6.21 -19.81 26.99
N ASP B 37 5.36 -20.44 26.19
CA ASP B 37 5.56 -21.82 25.74
C ASP B 37 4.54 -22.12 24.66
N THR B 38 4.90 -21.85 23.40
CA THR B 38 3.95 -21.97 22.30
C THR B 38 3.42 -23.39 22.12
N ILE B 39 4.30 -24.32 21.74
CA ILE B 39 3.86 -25.72 21.53
C ILE B 39 3.28 -26.31 22.82
N GLY B 40 3.98 -26.11 23.94
CA GLY B 40 3.56 -26.66 25.21
C GLY B 40 2.16 -26.26 25.65
N HIS B 41 1.85 -24.98 25.51
CA HIS B 41 0.54 -24.49 25.94
C HIS B 41 -0.59 -24.91 25.00
N ILE B 42 -0.27 -25.01 23.72
CA ILE B 42 -1.20 -25.56 22.73
C ILE B 42 -1.51 -27.01 23.06
N ALA B 43 -0.45 -27.79 23.32
CA ALA B 43 -0.58 -29.20 23.68
C ALA B 43 -1.48 -29.39 24.90
N GLU B 44 -1.29 -28.55 25.92
CA GLU B 44 -2.13 -28.59 27.11
C GLU B 44 -3.59 -28.25 26.78
N HIS B 45 -3.80 -27.23 25.95
CA HIS B 45 -5.15 -26.84 25.54
C HIS B 45 -5.87 -27.95 24.76
N MET B 46 -5.15 -28.60 23.86
CA MET B 46 -5.68 -29.67 23.00
C MET B 46 -5.95 -30.97 23.78
N ASN B 47 -5.53 -31.01 25.04
CA ASN B 47 -5.50 -32.24 25.85
C ASN B 47 -4.66 -33.33 25.15
N GLY B 48 -3.55 -32.90 24.57
CA GLY B 48 -2.67 -33.75 23.79
C GLY B 48 -2.70 -33.41 22.32
N LEU B 49 -1.57 -32.93 21.80
CA LEU B 49 -1.43 -32.66 20.38
C LEU B 49 -1.15 -33.95 19.61
N GLN B 50 -1.77 -34.08 18.44
CA GLN B 50 -1.55 -35.23 17.57
C GLN B 50 -0.58 -34.82 16.48
N MET B 51 0.71 -35.02 16.75
CA MET B 51 1.76 -34.71 15.78
C MET B 51 2.72 -35.90 15.61
N PRO B 52 2.18 -37.07 15.20
CA PRO B 52 2.99 -38.30 15.21
C PRO B 52 4.22 -38.23 14.30
N ASN B 53 4.15 -37.46 13.23
CA ASN B 53 5.28 -37.36 12.31
C ASN B 53 6.41 -36.48 12.82
N MET B 54 6.08 -35.34 13.42
CA MET B 54 7.07 -34.54 14.13
C MET B 54 7.65 -35.34 15.29
N VAL B 55 6.81 -36.13 15.97
CA VAL B 55 7.28 -37.03 17.02
C VAL B 55 8.30 -38.05 16.49
N LYS B 56 7.99 -38.66 15.33
CA LYS B 56 8.91 -39.62 14.70
C LYS B 56 10.26 -38.98 14.37
N LEU B 57 10.25 -37.70 14.01
CA LEU B 57 11.46 -36.93 13.72
C LEU B 57 12.28 -36.66 14.97
N GLY B 58 11.59 -36.60 16.11
CA GLY B 58 12.23 -36.40 17.40
C GLY B 58 11.81 -35.15 18.14
N LEU B 59 10.65 -34.58 17.80
CA LEU B 59 10.16 -33.39 18.49
C LEU B 59 10.10 -33.60 20.01
N GLY B 60 9.58 -34.76 20.43
CA GLY B 60 9.47 -35.10 21.85
C GLY B 60 10.82 -35.33 22.51
N ASN B 61 11.83 -35.68 21.71
CA ASN B 61 13.19 -35.82 22.23
C ASN B 61 13.81 -34.48 22.59
N ILE B 62 13.35 -33.41 21.94
CA ILE B 62 13.75 -32.04 22.32
C ILE B 62 13.12 -31.71 23.67
N ARG B 63 11.82 -31.92 23.77
CA ARG B 63 11.05 -31.58 24.96
C ARG B 63 9.77 -32.42 24.95
N GLU B 64 9.49 -33.13 26.04
CA GLU B 64 8.23 -33.88 26.12
C GLU B 64 7.09 -32.96 26.52
N MET B 65 6.00 -33.04 25.75
CA MET B 65 4.82 -32.21 25.97
C MET B 65 3.59 -33.10 25.84
N LYS B 66 2.42 -32.57 26.20
CA LYS B 66 1.20 -33.37 26.23
C LYS B 66 0.85 -33.93 24.85
N GLY B 67 0.90 -35.25 24.71
CA GLY B 67 0.65 -35.93 23.44
C GLY B 67 1.90 -36.05 22.58
N ILE B 68 3.00 -35.47 23.04
CA ILE B 68 4.25 -35.42 22.30
C ILE B 68 5.36 -36.06 23.13
N SER B 69 5.61 -37.34 22.88
CA SER B 69 6.56 -38.12 23.67
C SER B 69 7.87 -38.35 22.90
N LYS B 70 8.93 -38.64 23.64
CA LYS B 70 10.21 -38.96 23.00
C LYS B 70 10.15 -40.33 22.33
N VAL B 71 11.03 -40.55 21.37
CA VAL B 71 11.13 -41.82 20.67
C VAL B 71 12.53 -42.40 20.84
N GLU B 72 12.62 -43.72 20.86
CA GLU B 72 13.89 -44.44 21.02
C GLU B 72 14.85 -44.16 19.85
N LYS B 73 14.31 -44.13 18.64
CA LYS B 73 15.11 -43.95 17.43
C LYS B 73 14.47 -42.88 16.55
N PRO B 74 14.80 -41.60 16.81
CA PRO B 74 14.29 -40.51 15.97
C PRO B 74 14.82 -40.63 14.54
N LEU B 75 13.99 -40.27 13.56
CA LEU B 75 14.38 -40.35 12.15
C LEU B 75 15.62 -39.50 11.87
N GLY B 76 15.71 -38.34 12.51
CA GLY B 76 16.82 -37.43 12.30
C GLY B 76 17.36 -36.84 13.58
N TYR B 77 18.20 -35.84 13.43
CA TYR B 77 18.83 -35.17 14.55
C TYR B 77 17.92 -34.07 15.10
N TYR B 78 18.13 -33.72 16.36
CA TYR B 78 17.22 -32.80 17.04
C TYR B 78 17.94 -31.95 18.06
N THR B 79 17.46 -30.73 18.22
CA THR B 79 17.89 -29.85 19.30
C THR B 79 16.96 -28.64 19.31
N LYS B 80 17.32 -27.62 20.06
CA LYS B 80 16.66 -26.33 19.91
C LYS B 80 17.68 -25.24 19.66
N MET B 81 17.20 -24.06 19.25
CA MET B 81 18.08 -22.93 18.97
C MET B 81 17.68 -21.73 19.81
N GLN B 82 18.70 -21.00 20.26
CA GLN B 82 18.51 -19.77 21.00
C GLN B 82 18.76 -18.57 20.09
N GLU B 83 17.90 -17.57 20.18
CA GLU B 83 18.04 -16.37 19.37
C GLU B 83 19.07 -15.43 19.99
N LYS B 84 20.01 -14.97 19.18
CA LYS B 84 21.10 -14.09 19.64
C LYS B 84 20.80 -12.60 19.40
N SER B 85 20.07 -12.32 18.31
CA SER B 85 19.71 -10.95 17.93
C SER B 85 18.78 -10.32 18.97
N THR B 86 18.73 -8.99 18.97
CA THR B 86 17.96 -8.22 19.95
C THR B 86 16.46 -8.50 19.95
N GLY B 87 15.86 -8.53 18.77
CA GLY B 87 14.40 -8.57 18.65
C GLY B 87 13.82 -9.98 18.51
N LYS B 88 12.49 -10.05 18.56
CA LYS B 88 11.76 -11.31 18.42
C LYS B 88 10.78 -11.29 17.24
N ASP B 89 11.02 -10.37 16.30
CA ASP B 89 10.17 -10.21 15.12
C ASP B 89 10.56 -11.18 13.99
N TPO B 90 9.69 -11.29 12.98
CA TPO B 90 9.89 -12.22 11.86
CB TPO B 90 8.67 -12.25 10.95
CG2 TPO B 90 8.93 -13.06 9.68
OG1 TPO B 90 7.58 -12.88 11.62
P TPO B 90 6.02 -12.59 11.25
O1P TPO B 90 5.43 -11.93 12.48
O2P TPO B 90 5.47 -13.96 10.98
O3P TPO B 90 6.01 -11.67 10.05
C TPO B 90 11.14 -11.94 11.05
O TPO B 90 11.88 -12.87 10.70
N MET B 91 11.39 -10.66 10.77
CA MET B 91 12.58 -10.30 10.01
CA MET B 91 12.59 -10.27 10.02
C MET B 91 13.85 -10.67 10.76
N THR B 92 13.97 -10.25 12.02
CA THR B 92 15.12 -10.60 12.85
C THR B 92 15.38 -12.11 12.83
N GLY B 93 14.35 -12.90 13.11
CA GLY B 93 14.48 -14.35 13.17
C GLY B 93 14.99 -14.93 11.86
N HIS B 94 14.38 -14.53 10.76
CA HIS B 94 14.74 -15.07 9.44
C HIS B 94 16.13 -14.60 8.99
N TRP B 95 16.45 -13.34 9.26
CA TRP B 95 17.76 -12.82 8.88
C TRP B 95 18.87 -13.52 9.67
N GLU B 96 18.59 -13.80 10.94
CA GLU B 96 19.55 -14.55 11.77
C GLU B 96 19.70 -15.99 11.26
N ILE B 97 18.58 -16.64 10.93
CA ILE B 97 18.61 -18.00 10.36
C ILE B 97 19.56 -18.05 9.16
N MET B 98 19.54 -17.00 8.34
CA MET B 98 20.36 -16.97 7.13
C MET B 98 21.71 -16.28 7.30
N GLY B 99 22.16 -16.19 8.56
CA GLY B 99 23.57 -15.93 8.84
C GLY B 99 23.94 -14.55 9.35
N LEU B 100 22.94 -13.73 9.67
CA LEU B 100 23.20 -12.39 10.16
C LEU B 100 23.07 -12.26 11.68
N TYR B 101 23.44 -11.10 12.19
CA TYR B 101 23.15 -10.73 13.56
C TYR B 101 22.52 -9.35 13.52
N ILE B 102 21.36 -9.23 14.13
CA ILE B 102 20.57 -7.99 14.00
C ILE B 102 20.44 -7.29 15.36
N ASP B 103 21.16 -6.18 15.51
CA ASP B 103 21.15 -5.44 16.77
C ASP B 103 19.89 -4.61 16.97
N THR B 104 19.36 -4.08 15.86
CA THR B 104 18.27 -3.11 15.91
C THR B 104 16.97 -3.83 15.59
N PRO B 105 16.06 -3.92 16.58
CA PRO B 105 14.83 -4.70 16.38
C PRO B 105 13.75 -3.92 15.61
N PHE B 106 12.86 -4.65 14.96
CA PHE B 106 11.68 -4.03 14.37
C PHE B 106 10.62 -3.84 15.45
N GLN B 107 9.93 -2.72 15.39
CA GLN B 107 9.04 -2.32 16.47
C GLN B 107 7.60 -2.68 16.15
N VAL B 108 6.83 -2.99 17.19
CA VAL B 108 5.38 -3.09 17.05
C VAL B 108 4.73 -1.96 17.86
N PHE B 109 3.50 -1.60 17.50
CA PHE B 109 2.87 -0.39 18.01
C PHE B 109 1.44 -0.62 18.54
N PRO B 110 1.30 -1.32 19.68
CA PRO B 110 -0.03 -1.64 20.20
C PRO B 110 -0.84 -0.41 20.58
N GLU B 111 -0.16 0.71 20.80
CA GLU B 111 -0.82 1.97 21.18
C GLU B 111 -0.69 3.01 20.07
N GLY B 112 -0.40 2.56 18.86
CA GLY B 112 -0.19 3.45 17.73
C GLY B 112 1.22 4.00 17.65
N PHE B 113 1.48 4.77 16.61
CA PHE B 113 2.80 5.32 16.33
C PHE B 113 3.04 6.60 17.13
N PRO B 114 4.31 6.90 17.47
CA PRO B 114 4.62 8.13 18.19
C PRO B 114 4.23 9.37 17.40
N LYS B 115 3.77 10.40 18.13
CA LYS B 115 3.30 11.65 17.53
C LYS B 115 4.32 12.28 16.59
N GLU B 116 5.61 12.17 16.95
CA GLU B 116 6.70 12.75 16.17
C GLU B 116 6.81 12.17 14.76
N LEU B 117 6.51 10.88 14.61
CA LEU B 117 6.51 10.24 13.31
C LEU B 117 5.35 10.76 12.46
N LEU B 118 4.16 10.79 13.06
CA LEU B 118 2.96 11.23 12.35
C LEU B 118 2.98 12.73 12.00
N ASP B 119 3.62 13.52 12.87
CA ASP B 119 3.83 14.94 12.58
C ASP B 119 4.69 15.16 11.33
N GLU B 120 5.75 14.36 11.20
CA GLU B 120 6.61 14.45 10.01
C GLU B 120 5.93 13.94 8.75
N LEU B 121 5.13 12.88 8.89
CA LEU B 121 4.32 12.39 7.78
C LEU B 121 3.32 13.46 7.33
N GLU B 122 2.66 14.11 8.28
CA GLU B 122 1.72 15.21 7.96
C GLU B 122 2.40 16.35 7.23
N GLU B 123 3.60 16.73 7.67
CA GLU B 123 4.29 17.86 7.04
C GLU B 123 4.86 17.51 5.66
N LYS B 124 5.25 16.27 5.46
CA LYS B 124 5.78 15.84 4.17
C LYS B 124 4.69 15.57 3.13
N THR B 125 3.49 15.22 3.58
CA THR B 125 2.36 14.92 2.69
C THR B 125 1.35 16.06 2.58
N GLY B 126 1.34 16.96 3.56
CA GLY B 126 0.33 18.02 3.63
C GLY B 126 -1.04 17.51 4.05
N ARG B 127 -1.07 16.30 4.60
CA ARG B 127 -2.31 15.65 5.01
C ARG B 127 -2.28 15.25 6.48
N LYS B 128 -3.36 15.54 7.19
CA LYS B 128 -3.51 15.13 8.58
C LYS B 128 -3.63 13.60 8.66
N ILE B 129 -3.23 13.05 9.80
CA ILE B 129 -3.25 11.60 10.01
C ILE B 129 -4.34 11.23 11.02
N ILE B 130 -5.18 10.26 10.65
CA ILE B 130 -6.24 9.78 11.53
C ILE B 130 -6.13 8.27 11.77
N GLY B 131 -6.77 7.80 12.84
CA GLY B 131 -6.70 6.40 13.23
C GLY B 131 -5.59 6.16 14.23
N ASN B 132 -4.42 5.83 13.70
CA ASN B 132 -3.21 5.59 14.51
C ASN B 132 -3.43 4.56 15.62
N LYS B 133 -3.83 3.36 15.21
CA LYS B 133 -4.11 2.27 16.14
C LYS B 133 -4.07 0.93 15.41
N PRO B 134 -3.93 -0.18 16.16
CA PRO B 134 -4.12 -1.50 15.57
C PRO B 134 -5.58 -1.69 15.19
N ALA B 135 -5.80 -2.19 13.99
CA ALA B 135 -7.16 -2.46 13.51
C ALA B 135 -7.14 -3.39 12.30
N SER B 136 -8.23 -4.11 12.09
CA SER B 136 -8.42 -4.82 10.82
C SER B 136 -8.74 -3.77 9.74
N GLY B 137 -8.39 -4.09 8.50
CA GLY B 137 -8.67 -3.22 7.37
C GLY B 137 -10.14 -2.85 7.26
N THR B 138 -11.02 -3.81 7.49
CA THR B 138 -12.47 -3.59 7.39
C THR B 138 -12.99 -2.63 8.47
N GLU B 139 -12.60 -2.85 9.73
CA GLU B 139 -13.13 -2.03 10.82
C GLU B 139 -12.65 -0.57 10.79
N ILE B 140 -11.41 -0.36 10.34
CA ILE B 140 -10.86 0.99 10.25
C ILE B 140 -11.55 1.82 9.15
N LEU B 141 -11.91 1.16 8.05
CA LEU B 141 -12.66 1.82 6.97
C LEU B 141 -14.08 2.14 7.41
N ASP B 142 -14.70 1.19 8.10
CA ASP B 142 -16.02 1.39 8.70
C ASP B 142 -16.05 2.65 9.56
N GLU B 143 -14.97 2.87 10.30
CA GLU B 143 -14.90 3.97 11.26
C GLU B 143 -14.52 5.30 10.60
N LEU B 144 -13.50 5.26 9.73
CA LEU B 144 -12.84 6.48 9.27
C LEU B 144 -12.86 6.73 7.75
N GLY B 145 -13.33 5.75 6.98
CA GLY B 145 -13.40 5.88 5.52
C GLY B 145 -14.09 7.15 5.02
N GLN B 146 -15.24 7.47 5.62
CA GLN B 146 -15.99 8.66 5.23
C GLN B 146 -15.20 9.93 5.55
N GLU B 147 -14.65 10.01 6.76
CA GLU B 147 -13.79 11.12 7.15
C GLU B 147 -12.60 11.27 6.20
N GLN B 148 -11.95 10.17 5.87
CA GLN B 148 -10.82 10.17 4.94
C GLN B 148 -11.22 10.78 3.59
N MET B 149 -12.37 10.34 3.07
CA MET B 149 -12.89 10.82 1.79
C MET B 149 -13.12 12.32 1.78
N GLU B 150 -13.71 12.82 2.87
CA GLU B 150 -14.17 14.21 2.93
C GLU B 150 -13.05 15.21 3.21
N THR B 151 -12.01 14.74 3.92
CA THR B 151 -10.96 15.63 4.42
C THR B 151 -9.62 15.48 3.69
N GLY B 152 -9.40 14.35 3.05
CA GLY B 152 -8.11 14.08 2.42
C GLY B 152 -7.04 13.66 3.42
N SER B 153 -7.45 13.42 4.66
CA SER B 153 -6.56 12.89 5.69
C SER B 153 -6.15 11.45 5.33
N LEU B 154 -5.04 10.98 5.89
CA LEU B 154 -4.59 9.61 5.67
C LEU B 154 -4.92 8.74 6.86
N ILE B 155 -5.53 7.59 6.61
CA ILE B 155 -5.78 6.62 7.67
C ILE B 155 -4.49 5.82 7.84
N VAL B 156 -3.84 5.97 8.99
CA VAL B 156 -2.64 5.22 9.29
C VAL B 156 -2.96 4.24 10.43
N TYR B 157 -2.71 2.96 10.18
CA TYR B 157 -3.02 1.95 11.17
C TYR B 157 -2.00 0.82 11.15
N THR B 158 -2.10 -0.07 12.12
CA THR B 158 -1.16 -1.17 12.23
C THR B 158 -1.90 -2.47 12.52
N SER B 159 -1.15 -3.56 12.60
CA SER B 159 -1.70 -4.83 13.05
C SER B 159 -0.97 -5.24 14.33
N ALA B 160 -0.98 -6.54 14.64
CA ALA B 160 -0.19 -7.04 15.74
C ALA B 160 1.28 -7.24 15.33
N ASP B 161 1.54 -7.17 14.03
CA ASP B 161 2.90 -7.28 13.52
C ASP B 161 3.53 -5.90 13.27
N SER B 162 4.79 -5.91 12.82
CA SER B 162 5.55 -4.69 12.57
C SER B 162 5.22 -4.11 11.19
N VAL B 163 4.08 -3.44 11.11
CA VAL B 163 3.61 -2.87 9.84
C VAL B 163 3.05 -1.46 10.06
N LEU B 164 3.15 -0.63 9.03
CA LEU B 164 2.47 0.64 8.98
C LEU B 164 1.63 0.62 7.72
N GLN B 165 0.31 0.66 7.88
CA GLN B 165 -0.62 0.57 6.76
C GLN B 165 -1.26 1.93 6.51
N ILE B 166 -1.35 2.32 5.24
CA ILE B 166 -1.93 3.64 4.90
C ILE B 166 -3.11 3.46 3.96
N ALA B 167 -4.29 3.81 4.44
CA ALA B 167 -5.51 3.68 3.65
C ALA B 167 -5.99 5.04 3.15
N ALA B 168 -6.32 5.08 1.86
CA ALA B 168 -6.87 6.28 1.27
C ALA B 168 -7.77 5.90 0.11
N HIS B 169 -8.85 6.65 -0.06
CA HIS B 169 -9.82 6.40 -1.11
C HIS B 169 -9.24 6.83 -2.46
N GLU B 170 -9.31 5.95 -3.47
CA GLU B 170 -8.68 6.22 -4.77
C GLU B 170 -9.27 7.39 -5.56
N GLU B 171 -10.52 7.74 -5.29
CA GLU B 171 -11.12 8.91 -5.92
C GLU B 171 -10.57 10.22 -5.32
N VAL B 172 -9.96 10.10 -4.14
CA VAL B 172 -9.42 11.25 -3.41
C VAL B 172 -7.89 11.29 -3.50
N VAL B 173 -7.26 10.14 -3.33
CA VAL B 173 -5.81 9.99 -3.43
C VAL B 173 -5.59 8.85 -4.43
N PRO B 174 -5.23 9.20 -5.69
CA PRO B 174 -5.03 8.16 -6.71
C PRO B 174 -3.93 7.20 -6.30
N LEU B 175 -3.95 5.99 -6.84
CA LEU B 175 -3.02 4.95 -6.41
C LEU B 175 -1.56 5.38 -6.50
N ASP B 176 -1.18 6.02 -7.62
CA ASP B 176 0.20 6.48 -7.78
C ASP B 176 0.59 7.50 -6.68
N GLU B 177 -0.36 8.33 -6.26
CA GLU B 177 -0.12 9.26 -5.15
C GLU B 177 0.03 8.54 -3.81
N LEU B 178 -0.83 7.54 -3.57
CA LEU B 178 -0.70 6.72 -2.36
C LEU B 178 0.66 6.03 -2.31
N TYR B 179 1.13 5.54 -3.45
CA TYR B 179 2.47 4.95 -3.55
C TYR B 179 3.55 5.95 -3.13
N LYS B 180 3.44 7.20 -3.59
CA LYS B 180 4.41 8.24 -3.22
C LYS B 180 4.39 8.52 -1.71
N ILE B 181 3.19 8.49 -1.13
CA ILE B 181 3.01 8.69 0.30
C ILE B 181 3.63 7.54 1.11
N CYS B 182 3.41 6.31 0.65
CA CYS B 182 4.00 5.14 1.30
C CYS B 182 5.52 5.13 1.22
N LYS B 183 6.06 5.57 0.08
CA LYS B 183 7.50 5.69 -0.09
C LYS B 183 8.10 6.69 0.92
N ILE B 184 7.40 7.82 1.11
CA ILE B 184 7.78 8.80 2.15
C ILE B 184 7.75 8.17 3.55
N ALA B 185 6.68 7.44 3.85
CA ALA B 185 6.55 6.73 5.14
C ALA B 185 7.67 5.71 5.34
N ARG B 186 8.03 5.00 4.28
CA ARG B 186 9.14 4.04 4.35
C ARG B 186 10.47 4.70 4.72
N GLU B 187 10.72 5.89 4.17
CA GLU B 187 11.94 6.64 4.47
C GLU B 187 11.95 7.12 5.92
N LEU B 188 10.81 7.62 6.38
CA LEU B 188 10.71 8.14 7.75
C LEU B 188 10.80 7.03 8.80
N THR B 189 10.41 5.82 8.41
CA THR B 189 10.44 4.68 9.32
C THR B 189 11.72 3.84 9.25
N LEU B 190 12.72 4.32 8.52
CA LEU B 190 14.10 3.82 8.66
C LEU B 190 14.78 4.62 9.78
N ASP B 191 14.31 4.36 10.98
CA ASP B 191 14.69 5.10 12.17
C ASP B 191 14.33 4.14 13.28
N GLU B 192 15.31 3.82 14.12
CA GLU B 192 15.13 2.73 15.07
C GLU B 192 13.96 2.94 16.02
N LYS B 193 13.69 4.20 16.36
CA LYS B 193 12.51 4.57 17.15
C LYS B 193 11.19 4.14 16.50
N TYR B 194 11.14 4.15 15.17
CA TYR B 194 9.91 3.87 14.42
C TYR B 194 10.07 2.75 13.42
N MET B 195 11.00 1.83 13.68
CA MET B 195 11.39 0.92 12.61
C MET B 195 10.36 -0.17 12.37
N VAL B 196 9.60 0.00 11.29
CA VAL B 196 8.57 -0.96 10.90
C VAL B 196 9.10 -1.88 9.80
N GLY B 197 8.67 -3.15 9.85
CA GLY B 197 9.08 -4.13 8.86
C GLY B 197 8.59 -3.79 7.47
N ARG B 198 7.32 -3.42 7.36
CA ARG B 198 6.72 -3.11 6.06
C ARG B 198 5.79 -1.92 6.16
N VAL B 199 5.90 -1.02 5.20
CA VAL B 199 4.88 0.00 4.96
C VAL B 199 3.99 -0.57 3.84
N ILE B 200 2.67 -0.57 4.07
CA ILE B 200 1.76 -1.24 3.13
C ILE B 200 0.70 -0.28 2.63
N ALA B 201 0.58 -0.16 1.30
CA ALA B 201 -0.48 0.64 0.70
C ALA B 201 -1.81 -0.08 0.88
N ARG B 202 -2.82 0.66 1.33
CA ARG B 202 -4.17 0.09 1.52
C ARG B 202 -5.23 0.94 0.84
N PRO B 203 -5.20 1.01 -0.51
CA PRO B 203 -6.21 1.77 -1.24
C PRO B 203 -7.60 1.17 -1.07
N PHE B 204 -8.61 2.03 -1.09
CA PHE B 204 -9.99 1.56 -1.05
C PHE B 204 -10.87 2.41 -1.95
N VAL B 205 -12.04 1.86 -2.29
CA VAL B 205 -13.04 2.57 -3.08
C VAL B 205 -14.41 2.40 -2.43
N GLY B 206 -15.44 2.96 -3.08
CA GLY B 206 -16.83 2.79 -2.62
C GLY B 206 -17.40 4.02 -1.93
N GLU B 207 -18.51 3.80 -1.20
CA GLU B 207 -19.26 4.87 -0.56
C GLU B 207 -19.43 4.53 0.93
N PRO B 208 -19.76 5.53 1.78
CA PRO B 208 -20.04 5.21 3.19
C PRO B 208 -21.01 4.04 3.32
N GLY B 209 -20.66 3.07 4.16
CA GLY B 209 -21.48 1.87 4.35
C GLY B 209 -21.21 0.77 3.34
N ASN B 210 -20.32 1.05 2.38
CA ASN B 210 -20.01 0.11 1.31
C ASN B 210 -18.62 0.40 0.74
N PHE B 211 -17.63 0.46 1.63
CA PHE B 211 -16.24 0.61 1.20
C PHE B 211 -15.65 -0.76 0.88
N THR B 212 -14.85 -0.81 -0.19
CA THR B 212 -14.18 -2.02 -0.60
C THR B 212 -12.68 -1.79 -0.59
N ARG B 213 -11.96 -2.62 0.16
CA ARG B 213 -10.50 -2.65 0.10
C ARG B 213 -10.13 -3.30 -1.23
N THR B 214 -9.38 -2.58 -2.05
CA THR B 214 -9.04 -3.09 -3.40
C THR B 214 -7.96 -4.17 -3.32
N PRO B 215 -7.94 -5.10 -4.30
CA PRO B 215 -6.93 -6.16 -4.31
C PRO B 215 -5.58 -5.64 -4.80
N ASN B 216 -4.95 -4.83 -3.95
CA ASN B 216 -3.66 -4.22 -4.26
C ASN B 216 -2.57 -4.86 -3.42
N ARG B 217 -1.47 -5.23 -4.07
CA ARG B 217 -0.28 -5.70 -3.36
C ARG B 217 0.90 -4.80 -3.71
N HIS B 218 1.17 -3.82 -2.85
CA HIS B 218 2.29 -2.92 -3.05
C HIS B 218 2.76 -2.47 -1.69
N ASP B 219 3.97 -2.91 -1.34
CA ASP B 219 4.54 -2.54 -0.05
C ASP B 219 6.04 -2.24 -0.12
N TYR B 220 6.57 -1.79 1.02
CA TYR B 220 7.93 -1.29 1.08
C TYR B 220 8.62 -1.89 2.29
N ALA B 221 9.58 -2.78 2.03
CA ALA B 221 10.29 -3.48 3.08
C ALA B 221 11.75 -3.09 3.05
N LEU B 222 12.50 -3.53 4.05
CA LEU B 222 13.93 -3.30 4.11
C LEU B 222 14.68 -4.54 3.68
N LYS B 223 15.84 -4.35 3.06
CA LYS B 223 16.72 -5.48 2.78
C LYS B 223 17.38 -5.92 4.08
N PRO B 224 17.76 -7.21 4.17
CA PRO B 224 18.50 -7.69 5.34
C PRO B 224 19.73 -6.82 5.60
N PHE B 225 20.09 -6.65 6.88
CA PHE B 225 21.26 -5.84 7.25
C PHE B 225 22.55 -6.63 7.04
N GLY B 226 22.84 -6.94 5.79
CA GLY B 226 24.01 -7.70 5.44
C GLY B 226 23.67 -8.65 4.31
N ARG B 227 24.70 -9.11 3.61
CA ARG B 227 24.51 -10.15 2.61
CA ARG B 227 24.54 -10.16 2.61
C ARG B 227 24.38 -11.50 3.32
N THR B 228 23.31 -12.21 2.98
CA THR B 228 22.95 -13.45 3.65
C THR B 228 23.53 -14.68 2.93
N VAL B 229 23.32 -15.84 3.54
CA VAL B 229 23.70 -17.11 2.91
C VAL B 229 22.92 -17.30 1.58
N MET B 230 21.69 -16.78 1.52
CA MET B 230 20.92 -16.81 0.26
C MET B 230 21.62 -16.01 -0.84
N ASN B 231 22.04 -14.79 -0.50
CA ASN B 231 22.87 -14.01 -1.42
C ASN B 231 24.07 -14.81 -1.94
N GLU B 232 24.76 -15.50 -1.05
CA GLU B 232 25.97 -16.23 -1.43
CA GLU B 232 25.96 -16.24 -1.41
C GLU B 232 25.63 -17.43 -2.31
N LEU B 233 24.53 -18.12 -2.01
CA LEU B 233 24.10 -19.26 -2.84
C LEU B 233 23.75 -18.78 -4.26
N LYS B 234 22.95 -17.72 -4.35
CA LYS B 234 22.60 -17.16 -5.66
C LYS B 234 23.83 -16.68 -6.45
N ASP B 235 24.72 -15.96 -5.78
CA ASP B 235 25.96 -15.49 -6.40
C ASP B 235 26.85 -16.64 -6.86
N SER B 236 26.70 -17.81 -6.22
CA SER B 236 27.49 -18.99 -6.54
C SER B 236 26.78 -19.97 -7.48
N ASP B 237 25.70 -19.51 -8.11
CA ASP B 237 25.03 -20.25 -9.17
C ASP B 237 24.23 -21.45 -8.62
N TYR B 238 23.77 -21.33 -7.39
CA TYR B 238 22.84 -22.32 -6.83
C TYR B 238 21.41 -21.83 -6.97
N ASP B 239 20.49 -22.78 -6.95
CA ASP B 239 19.06 -22.45 -6.94
C ASP B 239 18.66 -22.08 -5.52
N VAL B 240 17.87 -21.01 -5.39
CA VAL B 240 17.30 -20.61 -4.09
C VAL B 240 15.81 -20.35 -4.32
N ILE B 241 15.01 -21.34 -3.96
CA ILE B 241 13.58 -21.30 -4.23
C ILE B 241 12.85 -20.88 -2.95
N ALA B 242 12.20 -19.72 -3.00
CA ALA B 242 11.51 -19.14 -1.84
C ALA B 242 10.02 -19.45 -1.95
N ILE B 243 9.45 -19.96 -0.87
CA ILE B 243 8.03 -20.32 -0.87
C ILE B 243 7.28 -19.55 0.20
N GLY B 244 6.17 -18.94 -0.20
CA GLY B 244 5.36 -18.18 0.74
C GLY B 244 5.94 -16.79 0.95
N LYS B 245 5.97 -16.36 2.21
CA LYS B 245 6.43 -15.04 2.58
C LYS B 245 7.95 -14.87 2.54
N ILE B 246 8.68 -15.97 2.29
CA ILE B 246 10.15 -15.92 2.31
C ILE B 246 10.75 -14.81 1.44
N SER B 247 10.35 -14.71 0.18
CA SER B 247 10.91 -13.66 -0.67
C SER B 247 10.67 -12.27 -0.07
N ASP B 248 9.42 -12.02 0.35
CA ASP B 248 9.08 -10.75 1.00
C ASP B 248 9.95 -10.46 2.23
N ILE B 249 10.14 -11.48 3.06
CA ILE B 249 10.88 -11.34 4.32
C ILE B 249 12.33 -10.90 4.04
N TYR B 250 12.92 -11.44 2.97
CA TYR B 250 14.29 -11.07 2.60
C TYR B 250 14.35 -10.01 1.51
N ASP B 251 13.20 -9.39 1.21
CA ASP B 251 13.09 -8.45 0.09
C ASP B 251 13.72 -8.97 -1.20
N GLY B 252 13.52 -10.25 -1.48
CA GLY B 252 14.00 -10.86 -2.73
C GLY B 252 15.50 -11.17 -2.77
N GLU B 253 16.21 -10.86 -1.69
CA GLU B 253 17.67 -10.99 -1.68
C GLU B 253 18.15 -12.45 -1.73
N GLY B 254 18.87 -12.77 -2.79
CA GLY B 254 19.38 -14.13 -2.97
C GLY B 254 18.35 -15.12 -3.49
N VAL B 255 17.17 -14.63 -3.88
CA VAL B 255 16.08 -15.51 -4.35
C VAL B 255 16.19 -15.69 -5.88
N THR B 256 16.11 -16.95 -6.33
CA THR B 256 16.13 -17.21 -7.77
C THR B 256 14.77 -17.55 -8.36
N GLU B 257 13.87 -18.06 -7.52
CA GLU B 257 12.46 -18.26 -7.87
C GLU B 257 11.60 -18.09 -6.63
N SER B 258 10.44 -17.47 -6.78
CA SER B 258 9.52 -17.29 -5.64
C SER B 258 8.15 -17.85 -5.96
N LEU B 259 7.62 -18.64 -5.03
CA LEU B 259 6.30 -19.27 -5.18
C LEU B 259 5.40 -18.73 -4.07
N ARG B 260 4.47 -17.84 -4.43
CA ARG B 260 3.53 -17.32 -3.42
C ARG B 260 2.54 -18.41 -3.01
N THR B 261 2.09 -18.33 -1.76
CA THR B 261 1.12 -19.30 -1.22
C THR B 261 -0.06 -18.58 -0.56
N LYS B 262 -1.18 -19.28 -0.42
CA LYS B 262 -2.38 -18.67 0.15
C LYS B 262 -2.81 -19.30 1.49
N SER B 263 -2.16 -20.38 1.87
CA SER B 263 -2.47 -21.11 3.10
C SER B 263 -1.29 -22.02 3.46
N ASN B 264 -1.30 -22.53 4.69
CA ASN B 264 -0.32 -23.56 5.09
C ASN B 264 -0.39 -24.80 4.20
N MET B 265 -1.60 -25.26 3.87
CA MET B 265 -1.72 -26.46 3.02
C MET B 265 -1.18 -26.20 1.62
N ASP B 266 -1.42 -24.99 1.10
CA ASP B 266 -0.85 -24.56 -0.18
C ASP B 266 0.66 -24.51 -0.10
N GLY B 267 1.18 -24.03 1.04
CA GLY B 267 2.62 -24.02 1.29
C GLY B 267 3.23 -25.42 1.22
N MET B 268 2.57 -26.40 1.83
CA MET B 268 3.06 -27.79 1.74
C MET B 268 2.95 -28.32 0.31
N ASP B 269 1.94 -27.89 -0.42
CA ASP B 269 1.81 -28.25 -1.83
C ASP B 269 2.98 -27.70 -2.65
N LYS B 270 3.38 -26.46 -2.39
CA LYS B 270 4.51 -25.86 -3.11
C LYS B 270 5.83 -26.52 -2.69
N LEU B 271 5.95 -26.91 -1.42
CA LEU B 271 7.10 -27.69 -0.97
C LEU B 271 7.17 -28.99 -1.77
N VAL B 272 6.02 -29.67 -1.89
CA VAL B 272 5.94 -30.87 -2.72
C VAL B 272 6.33 -30.56 -4.18
N ASP B 273 5.86 -29.44 -4.72
CA ASP B 273 6.27 -29.01 -6.07
C ASP B 273 7.79 -28.91 -6.17
N THR B 274 8.45 -28.33 -5.18
CA THR B 274 9.91 -28.17 -5.23
C THR B 274 10.66 -29.50 -5.09
N LEU B 275 10.11 -30.42 -4.30
CA LEU B 275 10.64 -31.79 -4.27
C LEU B 275 10.62 -32.45 -5.66
N ASN B 276 9.58 -32.16 -6.44
CA ASN B 276 9.47 -32.66 -7.82
C ASN B 276 10.36 -31.96 -8.83
N MET B 277 10.91 -30.79 -8.46
CA MET B 277 11.84 -30.07 -9.34
C MET B 277 13.23 -30.65 -9.21
N ASP B 278 13.99 -30.64 -10.30
CA ASP B 278 15.41 -30.93 -10.22
C ASP B 278 16.17 -29.61 -10.01
N PHE B 279 16.76 -29.46 -8.84
CA PHE B 279 17.56 -28.27 -8.53
C PHE B 279 18.71 -28.65 -7.62
N THR B 280 19.67 -27.76 -7.46
CA THR B 280 20.65 -27.91 -6.41
C THR B 280 20.81 -26.60 -5.68
N GLY B 281 20.72 -26.65 -4.35
CA GLY B 281 20.67 -25.45 -3.55
C GLY B 281 19.58 -25.57 -2.50
N LEU B 282 18.83 -24.48 -2.32
CA LEU B 282 17.93 -24.36 -1.18
C LEU B 282 16.48 -24.15 -1.61
N SER B 283 15.57 -24.92 -1.01
CA SER B 283 14.14 -24.66 -1.06
C SER B 283 13.73 -24.24 0.35
N PHE B 284 13.14 -23.06 0.47
CA PHE B 284 12.93 -22.40 1.76
C PHE B 284 11.45 -22.00 1.88
N LEU B 285 10.74 -22.65 2.80
CA LEU B 285 9.31 -22.45 2.98
C LEU B 285 9.03 -21.74 4.29
N ASN B 286 8.13 -20.76 4.26
CA ASN B 286 7.54 -20.22 5.47
C ASN B 286 6.07 -20.60 5.55
N LEU B 287 5.69 -21.22 6.67
CA LEU B 287 4.30 -21.52 6.98
C LEU B 287 3.80 -20.45 7.94
N VAL B 288 3.06 -19.49 7.41
CA VAL B 288 2.76 -18.26 8.15
C VAL B 288 1.46 -18.33 8.97
N ASP B 289 0.57 -19.26 8.62
CA ASP B 289 -0.76 -19.28 9.24
C ASP B 289 -0.71 -19.38 10.76
N PHE B 290 0.25 -20.15 11.26
CA PHE B 290 0.41 -20.35 12.70
C PHE B 290 0.50 -19.00 13.41
N ASP B 291 1.28 -18.10 12.84
CA ASP B 291 1.49 -16.77 13.38
C ASP B 291 0.31 -15.84 13.09
N ALA B 292 -0.05 -15.73 11.82
CA ALA B 292 -1.03 -14.75 11.34
C ALA B 292 -2.47 -15.02 11.76
N LEU B 293 -2.84 -16.30 11.86
CA LEU B 293 -4.23 -16.64 12.13
C LEU B 293 -4.48 -17.05 13.57
N PHE B 294 -3.46 -17.59 14.23
CA PHE B 294 -3.67 -18.22 15.53
C PHE B 294 -2.84 -17.64 16.68
N GLY B 295 -1.55 -17.41 16.44
CA GLY B 295 -0.68 -16.83 17.46
C GLY B 295 -1.17 -15.47 17.93
N HIS B 296 -1.24 -14.53 16.99
CA HIS B 296 -1.61 -13.15 17.31
C HIS B 296 -3.05 -13.02 17.81
N ARG B 297 -3.93 -13.85 17.29
CA ARG B 297 -5.34 -13.85 17.69
C ARG B 297 -5.58 -14.61 18.99
N ARG B 298 -4.50 -15.19 19.53
CA ARG B 298 -4.55 -15.90 20.81
C ARG B 298 -5.62 -17.00 20.77
N ASP B 299 -5.50 -17.87 19.77
CA ASP B 299 -6.48 -18.93 19.51
C ASP B 299 -5.75 -20.29 19.58
N PRO B 300 -5.58 -20.84 20.80
CA PRO B 300 -4.84 -22.09 20.93
C PRO B 300 -5.49 -23.30 20.25
N GLN B 301 -6.82 -23.35 20.23
CA GLN B 301 -7.54 -24.41 19.52
C GLN B 301 -7.23 -24.41 18.02
N GLY B 302 -7.40 -23.25 17.39
CA GLY B 302 -7.09 -23.11 15.97
C GLY B 302 -5.64 -23.41 15.67
N TYR B 303 -4.75 -22.97 16.55
CA TYR B 303 -3.30 -23.17 16.40
C TYR B 303 -3.02 -24.67 16.43
N GLY B 304 -3.59 -25.36 17.42
CA GLY B 304 -3.45 -26.82 17.55
C GLY B 304 -3.94 -27.55 16.31
N GLU B 305 -5.12 -27.19 15.83
CA GLU B 305 -5.68 -27.83 14.65
C GLU B 305 -4.76 -27.61 13.44
N ALA B 306 -4.21 -26.41 13.31
CA ALA B 306 -3.29 -26.09 12.21
C ALA B 306 -2.02 -26.94 12.30
N LEU B 307 -1.50 -27.14 13.51
CA LEU B 307 -0.33 -27.98 13.71
C LEU B 307 -0.60 -29.43 13.30
N GLN B 308 -1.79 -29.92 13.63
CA GLN B 308 -2.17 -31.29 13.28
C GLN B 308 -2.37 -31.45 11.77
N GLU B 309 -2.92 -30.42 11.13
CA GLU B 309 -3.08 -30.43 9.67
C GLU B 309 -1.72 -30.47 8.97
N TYR B 310 -0.79 -29.66 9.46
CA TYR B 310 0.57 -29.63 8.95
C TYR B 310 1.24 -31.00 9.13
N ASP B 311 1.11 -31.58 10.32
CA ASP B 311 1.80 -32.84 10.62
C ASP B 311 1.36 -33.97 9.69
N ALA B 312 0.08 -33.97 9.33
CA ALA B 312 -0.48 -35.03 8.46
C ALA B 312 0.07 -34.96 7.04
N ARG B 313 0.62 -33.82 6.66
CA ARG B 313 1.20 -33.65 5.33
C ARG B 313 2.62 -34.23 5.22
N LEU B 314 3.27 -34.42 6.36
CA LEU B 314 4.70 -34.78 6.38
C LEU B 314 5.11 -36.13 5.77
N PRO B 315 4.29 -37.20 5.92
CA PRO B 315 4.75 -38.48 5.36
C PRO B 315 4.98 -38.45 3.85
N GLU B 316 4.20 -37.63 3.13
CA GLU B 316 4.45 -37.46 1.70
C GLU B 316 5.82 -36.80 1.47
N VAL B 317 6.15 -35.80 2.29
CA VAL B 317 7.46 -35.16 2.22
C VAL B 317 8.57 -36.20 2.47
N PHE B 318 8.40 -37.03 3.50
CA PHE B 318 9.38 -38.10 3.81
C PHE B 318 9.57 -39.03 2.62
N ALA B 319 8.47 -39.41 1.97
CA ALA B 319 8.51 -40.30 0.82
C ALA B 319 9.28 -39.75 -0.37
N LYS B 320 9.28 -38.42 -0.52
CA LYS B 320 9.89 -37.78 -1.68
C LYS B 320 11.35 -37.39 -1.45
N LEU B 321 11.79 -37.32 -0.19
CA LEU B 321 13.20 -37.02 0.09
C LEU B 321 14.12 -38.09 -0.46
N LYS B 322 15.20 -37.64 -1.09
CA LYS B 322 16.22 -38.53 -1.63
C LYS B 322 17.39 -38.67 -0.65
N GLU B 323 18.27 -39.63 -0.92
CA GLU B 323 19.43 -39.88 -0.06
C GLU B 323 20.31 -38.64 0.10
N ASP B 324 20.39 -37.82 -0.96
CA ASP B 324 21.19 -36.60 -0.90
C ASP B 324 20.36 -35.32 -0.67
N ASP B 325 19.18 -35.48 -0.07
CA ASP B 325 18.38 -34.33 0.39
C ASP B 325 18.42 -34.23 1.90
N LEU B 326 18.45 -33.01 2.41
CA LEU B 326 18.32 -32.75 3.85
C LEU B 326 17.10 -31.88 4.12
N LEU B 327 16.27 -32.31 5.07
CA LEU B 327 15.13 -31.54 5.52
C LEU B 327 15.45 -30.91 6.87
N LEU B 328 15.26 -29.59 6.95
CA LEU B 328 15.45 -28.85 8.19
C LEU B 328 14.13 -28.19 8.56
N ILE B 329 13.68 -28.43 9.79
CA ILE B 329 12.40 -27.86 10.28
C ILE B 329 12.70 -27.05 11.53
N THR B 330 12.24 -25.80 11.53
CA THR B 330 12.51 -24.89 12.65
C THR B 330 11.40 -23.83 12.78
N ALA B 331 11.66 -22.78 13.57
CA ALA B 331 10.76 -21.64 13.74
C ALA B 331 11.60 -20.39 13.86
N ASP B 332 10.96 -19.21 13.90
CA ASP B 332 11.69 -17.95 13.86
C ASP B 332 11.53 -17.09 15.13
N HIS B 333 10.63 -17.54 16.01
CA HIS B 333 10.34 -16.96 17.33
C HIS B 333 9.17 -17.78 17.88
N GLY B 334 8.67 -17.40 19.05
CA GLY B 334 7.43 -17.96 19.55
C GLY B 334 6.28 -16.99 19.36
N ASN B 335 5.06 -17.47 19.57
CA ASN B 335 3.88 -16.60 19.60
C ASN B 335 2.80 -17.36 20.38
N ASP B 336 3.00 -17.40 21.69
CA ASP B 336 2.23 -18.26 22.59
C ASP B 336 0.77 -17.81 22.61
N PRO B 337 -0.15 -18.66 22.12
CA PRO B 337 -1.54 -18.21 21.99
C PRO B 337 -2.32 -18.09 23.31
N ILE B 338 -1.67 -18.32 24.46
CA ILE B 338 -2.31 -18.01 25.74
C ILE B 338 -1.62 -16.86 26.48
N HIS B 339 -0.61 -16.26 25.85
CA HIS B 339 0.15 -15.18 26.46
C HIS B 339 -0.67 -13.88 26.47
N PRO B 340 -0.42 -13.00 27.46
CA PRO B 340 -1.08 -11.68 27.41
C PRO B 340 -0.66 -10.88 26.19
N GLY B 341 -1.46 -9.87 25.84
CA GLY B 341 -1.17 -9.00 24.70
C GLY B 341 -1.30 -9.70 23.36
N THR B 342 -0.64 -9.14 22.34
CA THR B 342 -0.78 -9.63 20.98
C THR B 342 0.58 -9.86 20.28
N ASP B 343 1.68 -9.66 21.02
CA ASP B 343 3.03 -9.72 20.45
C ASP B 343 3.58 -11.16 20.42
N HIS B 344 4.62 -11.37 19.63
CA HIS B 344 5.40 -12.60 19.65
C HIS B 344 5.93 -12.85 21.06
N THR B 345 6.42 -14.07 21.28
CA THR B 345 7.05 -14.41 22.55
C THR B 345 8.50 -14.86 22.34
N ARG B 346 9.39 -14.43 23.23
CA ARG B 346 10.82 -14.75 23.13
C ARG B 346 11.10 -16.16 23.60
N GLU B 347 11.20 -17.06 22.63
CA GLU B 347 11.31 -18.48 22.90
C GLU B 347 12.46 -19.13 22.15
N TYR B 348 12.92 -20.27 22.68
CA TYR B 348 13.72 -21.20 21.89
C TYR B 348 12.85 -21.66 20.74
N VAL B 349 13.51 -22.08 19.65
CA VAL B 349 12.80 -22.69 18.52
C VAL B 349 13.29 -24.13 18.33
N PRO B 350 12.41 -25.03 17.87
CA PRO B 350 12.88 -26.39 17.67
C PRO B 350 13.76 -26.50 16.44
N LEU B 351 14.64 -27.49 16.41
CA LEU B 351 15.39 -27.82 15.20
C LEU B 351 15.37 -29.32 14.97
N LEU B 352 14.89 -29.73 13.80
CA LEU B 352 14.91 -31.13 13.40
C LEU B 352 15.66 -31.20 12.07
N ALA B 353 16.59 -32.13 11.95
CA ALA B 353 17.39 -32.28 10.74
C ALA B 353 17.36 -33.73 10.29
N TYR B 354 16.71 -33.97 9.15
CA TYR B 354 16.48 -35.33 8.69
C TYR B 354 16.84 -35.54 7.21
N SER B 355 17.59 -36.61 6.96
CA SER B 355 17.79 -37.14 5.60
C SER B 355 17.58 -38.65 5.63
N PRO B 356 16.95 -39.21 4.57
CA PRO B 356 16.81 -40.67 4.48
C PRO B 356 18.16 -41.39 4.47
N SER B 357 19.25 -40.67 4.22
CA SER B 357 20.60 -41.26 4.30
C SER B 357 21.06 -41.54 5.74
N MET B 358 20.30 -41.08 6.72
CA MET B 358 20.55 -41.34 8.14
C MET B 358 20.01 -42.72 8.52
N LYS B 359 20.76 -43.75 8.15
CA LYS B 359 20.31 -45.14 8.24
C LYS B 359 20.05 -45.62 9.67
N GLU B 360 20.75 -45.03 10.63
CA GLU B 360 20.58 -45.41 12.05
C GLU B 360 19.77 -44.36 12.82
N GLY B 361 19.13 -43.46 12.08
CA GLY B 361 18.39 -42.36 12.70
C GLY B 361 19.35 -41.33 13.26
N GLY B 362 18.82 -40.40 14.04
CA GLY B 362 19.65 -39.30 14.55
C GLY B 362 19.81 -39.31 16.06
N GLN B 363 20.47 -38.26 16.57
CA GLN B 363 20.68 -38.09 18.00
C GLN B 363 20.60 -36.61 18.32
N GLU B 364 20.77 -36.28 19.60
CA GLU B 364 20.72 -34.90 20.06
C GLU B 364 21.95 -34.12 19.59
N LEU B 365 21.70 -32.95 19.02
CA LEU B 365 22.76 -32.00 18.69
C LEU B 365 22.97 -31.06 19.89
N PRO B 366 24.19 -30.51 20.04
CA PRO B 366 24.37 -29.43 21.00
C PRO B 366 23.41 -28.28 20.70
N LEU B 367 22.91 -27.62 21.74
CA LEU B 367 22.00 -26.50 21.55
C LEU B 367 22.64 -25.45 20.65
N ARG B 368 21.86 -24.91 19.73
CA ARG B 368 22.38 -23.91 18.78
C ARG B 368 22.36 -22.53 19.46
N GLN B 369 23.53 -21.91 19.59
CA GLN B 369 23.66 -20.64 20.30
C GLN B 369 23.15 -19.41 19.53
N THR B 370 22.94 -19.59 18.23
CA THR B 370 22.30 -18.57 17.36
C THR B 370 21.56 -19.29 16.24
N PHE B 371 20.49 -18.69 15.73
CA PHE B 371 19.77 -19.24 14.59
C PHE B 371 20.68 -19.36 13.37
N ALA B 372 21.75 -18.56 13.35
CA ALA B 372 22.68 -18.52 12.23
C ALA B 372 23.42 -19.83 12.00
N ASP B 373 23.35 -20.75 12.96
CA ASP B 373 23.89 -22.09 12.79
C ASP B 373 23.27 -22.80 11.58
N ILE B 374 21.99 -22.50 11.28
CA ILE B 374 21.34 -23.06 10.08
C ILE B 374 22.01 -22.51 8.82
N GLY B 375 22.12 -21.19 8.72
CA GLY B 375 22.85 -20.56 7.62
C GLY B 375 24.28 -21.08 7.45
N ALA B 376 24.99 -21.25 8.56
CA ALA B 376 26.36 -21.76 8.52
C ALA B 376 26.41 -23.18 7.95
N THR B 377 25.43 -24.00 8.34
CA THR B 377 25.34 -25.38 7.90
C THR B 377 25.05 -25.45 6.39
N VAL B 378 24.11 -24.63 5.95
CA VAL B 378 23.75 -24.52 4.54
C VAL B 378 24.97 -24.05 3.71
N ALA B 379 25.66 -23.02 4.19
CA ALA B 379 26.86 -22.52 3.50
C ALA B 379 27.98 -23.57 3.44
N GLU B 380 28.22 -24.28 4.53
CA GLU B 380 29.26 -25.32 4.51
C GLU B 380 28.91 -26.42 3.53
N ASN B 381 27.64 -26.84 3.54
CA ASN B 381 27.20 -27.89 2.65
C ASN B 381 27.50 -27.60 1.19
N PHE B 382 27.24 -26.37 0.76
CA PHE B 382 27.37 -26.00 -0.65
C PHE B 382 28.72 -25.36 -0.98
N GLY B 383 29.61 -25.31 0.00
CA GLY B 383 30.98 -24.81 -0.20
C GLY B 383 31.05 -23.34 -0.56
N VAL B 384 30.07 -22.56 -0.10
CA VAL B 384 30.05 -21.12 -0.36
C VAL B 384 30.57 -20.34 0.86
N LYS B 385 30.75 -19.03 0.69
CA LYS B 385 31.33 -18.19 1.74
C LYS B 385 30.55 -18.32 3.05
N MET B 386 31.26 -18.66 4.12
CA MET B 386 30.63 -18.89 5.43
C MET B 386 30.14 -17.57 6.02
N PRO B 387 28.95 -17.59 6.65
CA PRO B 387 28.48 -16.36 7.29
C PRO B 387 29.40 -15.92 8.41
N GLU B 388 29.27 -14.65 8.80
CA GLU B 388 30.09 -14.09 9.86
C GLU B 388 29.73 -14.69 11.22
N TYR B 389 28.47 -15.12 11.35
CA TYR B 389 27.94 -15.66 12.60
C TYR B 389 27.44 -17.07 12.34
N GLY B 390 27.36 -17.87 13.40
CA GLY B 390 26.83 -19.22 13.26
C GLY B 390 27.92 -20.28 13.17
N THR B 391 27.58 -21.45 13.71
CA THR B 391 28.47 -22.60 13.73
C THR B 391 27.75 -23.76 13.07
N SER B 392 28.36 -24.31 12.02
CA SER B 392 27.74 -25.40 11.26
C SER B 392 27.61 -26.66 12.10
N PHE B 393 26.48 -27.36 11.94
CA PHE B 393 26.32 -28.69 12.53
C PHE B 393 26.35 -29.77 11.44
N LEU B 394 26.81 -29.42 10.25
CA LEU B 394 26.87 -30.37 9.13
C LEU B 394 27.63 -31.66 9.48
N ASN B 395 28.82 -31.52 10.06
CA ASN B 395 29.65 -32.66 10.44
C ASN B 395 29.02 -33.53 11.52
N GLU B 396 28.13 -32.95 12.31
CA GLU B 396 27.40 -33.70 13.34
C GLU B 396 26.28 -34.58 12.77
N LEU B 397 25.81 -34.25 11.57
CA LEU B 397 24.74 -35.02 10.92
C LEU B 397 25.21 -36.40 10.44
N LYS C 8 -2.58 9.61 -17.70
CA LYS C 8 -3.71 9.34 -18.62
C LYS C 8 -4.35 7.96 -18.33
N TYR C 9 -3.64 6.89 -18.67
CA TYR C 9 -4.08 5.54 -18.35
C TYR C 9 -3.46 5.06 -17.04
N LYS C 10 -4.28 4.49 -16.16
CA LYS C 10 -3.80 3.94 -14.89
C LYS C 10 -3.04 2.63 -15.13
N ARG C 11 -3.56 1.81 -16.03
CA ARG C 11 -2.96 0.52 -16.33
C ARG C 11 -2.85 0.34 -17.83
N ILE C 12 -1.73 -0.23 -18.26
CA ILE C 12 -1.55 -0.64 -19.64
C ILE C 12 -1.32 -2.15 -19.64
N PHE C 13 -2.12 -2.83 -20.46
CA PHE C 13 -1.98 -4.27 -20.65
C PHE C 13 -1.40 -4.51 -22.03
N LEU C 14 -0.17 -5.01 -22.04
CA LEU C 14 0.56 -5.26 -23.27
C LEU C 14 0.62 -6.75 -23.54
N VAL C 15 0.09 -7.16 -24.68
CA VAL C 15 0.07 -8.57 -25.07
C VAL C 15 0.92 -8.76 -26.32
N VAL C 16 1.97 -9.58 -26.20
CA VAL C 16 2.72 -10.02 -27.36
C VAL C 16 2.25 -11.41 -27.76
N MET C 17 1.61 -11.49 -28.92
CA MET C 17 1.29 -12.75 -29.56
C MET C 17 2.58 -13.14 -30.27
N ASP C 18 3.38 -14.01 -29.65
CA ASP C 18 4.74 -14.25 -30.13
C ASP C 18 4.76 -14.84 -31.53
N SER C 19 5.49 -14.17 -32.44
CA SER C 19 5.69 -14.61 -33.84
C SER C 19 4.50 -14.36 -34.78
N VAL C 20 3.46 -13.72 -34.27
CA VAL C 20 2.26 -13.52 -35.07
C VAL C 20 2.44 -12.32 -36.01
N GLY C 21 3.17 -12.55 -37.09
CA GLY C 21 3.52 -11.50 -38.06
C GLY C 21 2.41 -11.21 -39.06
N ILE C 22 2.49 -10.05 -39.69
CA ILE C 22 1.43 -9.58 -40.60
C ILE C 22 1.95 -9.19 -42.01
N GLY C 23 3.00 -9.88 -42.44
CA GLY C 23 3.53 -9.71 -43.80
C GLY C 23 4.97 -9.25 -43.87
N GLU C 24 5.68 -9.72 -44.90
CA GLU C 24 7.11 -9.45 -45.06
C GLU C 24 7.50 -7.97 -44.91
N ALA C 25 8.58 -7.73 -44.18
CA ALA C 25 9.11 -6.39 -43.96
C ALA C 25 9.77 -5.84 -45.23
N PRO C 26 10.02 -4.51 -45.28
CA PRO C 26 10.72 -3.95 -46.44
C PRO C 26 12.13 -4.51 -46.64
N ASP C 27 12.75 -5.01 -45.55
CA ASP C 27 14.10 -5.57 -45.62
C ASP C 27 14.14 -7.11 -45.56
N ALA C 28 13.02 -7.74 -45.88
CA ALA C 28 12.88 -9.21 -45.79
C ALA C 28 13.82 -10.00 -46.70
N GLU C 29 14.25 -9.38 -47.80
CA GLU C 29 15.19 -10.01 -48.75
C GLU C 29 16.53 -10.33 -48.09
N GLN C 30 17.02 -9.38 -47.28
CA GLN C 30 18.27 -9.56 -46.52
C GLN C 30 18.24 -10.80 -45.62
N PHE C 31 17.07 -11.09 -45.06
CA PHE C 31 16.89 -12.18 -44.10
C PHE C 31 16.44 -13.49 -44.75
N GLY C 32 16.35 -13.50 -46.08
CA GLY C 32 15.87 -14.66 -46.84
C GLY C 32 14.39 -14.94 -46.59
N ASP C 33 13.61 -13.87 -46.43
CA ASP C 33 12.21 -13.98 -46.00
C ASP C 33 11.19 -13.39 -46.97
N LEU C 34 11.54 -13.32 -48.25
CA LEU C 34 10.58 -12.88 -49.26
C LEU C 34 9.36 -13.79 -49.25
N GLY C 35 8.19 -13.20 -49.42
CA GLY C 35 6.95 -13.97 -49.51
C GLY C 35 6.33 -14.33 -48.19
N SER C 36 7.06 -14.06 -47.10
CA SER C 36 6.61 -14.42 -45.75
C SER C 36 5.37 -13.61 -45.36
N ASP C 37 4.46 -14.28 -44.65
CA ASP C 37 3.17 -13.72 -44.26
C ASP C 37 2.52 -14.68 -43.26
N THR C 38 2.77 -14.46 -41.97
CA THR C 38 2.35 -15.40 -40.94
C THR C 38 0.82 -15.53 -40.84
N ILE C 39 0.13 -14.45 -40.50
CA ILE C 39 -1.33 -14.47 -40.37
C ILE C 39 -2.00 -14.78 -41.70
N GLY C 40 -1.52 -14.11 -42.76
CA GLY C 40 -2.05 -14.29 -44.11
C GLY C 40 -2.04 -15.73 -44.60
N HIS C 41 -0.94 -16.44 -44.36
CA HIS C 41 -0.82 -17.83 -44.82
C HIS C 41 -1.57 -18.81 -43.93
N ILE C 42 -1.70 -18.49 -42.64
CA ILE C 42 -2.55 -19.25 -41.74
C ILE C 42 -4.01 -19.09 -42.18
N ALA C 43 -4.38 -17.86 -42.52
CA ALA C 43 -5.72 -17.54 -43.01
C ALA C 43 -6.04 -18.31 -44.29
N GLU C 44 -5.09 -18.38 -45.21
CA GLU C 44 -5.24 -19.16 -46.44
C GLU C 44 -5.44 -20.64 -46.14
N HIS C 45 -4.65 -21.18 -45.20
CA HIS C 45 -4.74 -22.60 -44.81
C HIS C 45 -6.09 -22.99 -44.22
N MET C 46 -6.60 -22.16 -43.32
CA MET C 46 -7.87 -22.43 -42.63
C MET C 46 -9.07 -22.16 -43.55
N ASN C 47 -8.78 -21.71 -44.77
CA ASN C 47 -9.79 -21.21 -45.72
C ASN C 47 -10.74 -20.21 -45.05
N GLY C 48 -10.17 -19.28 -44.30
CA GLY C 48 -10.93 -18.32 -43.53
C GLY C 48 -10.61 -18.44 -42.05
N LEU C 49 -9.73 -17.56 -41.58
CA LEU C 49 -9.41 -17.48 -40.17
C LEU C 49 -10.56 -16.80 -39.45
N GLN C 50 -10.97 -17.40 -38.33
CA GLN C 50 -12.11 -16.90 -37.56
C GLN C 50 -11.64 -16.23 -36.27
N MET C 51 -11.39 -14.92 -36.36
CA MET C 51 -10.96 -14.13 -35.22
C MET C 51 -11.82 -12.86 -35.11
N PRO C 52 -13.13 -13.03 -34.81
CA PRO C 52 -14.06 -11.90 -34.85
C PRO C 52 -13.70 -10.79 -33.85
N ASN C 53 -13.16 -11.16 -32.69
CA ASN C 53 -12.81 -10.18 -31.67
C ASN C 53 -11.62 -9.31 -32.06
N MET C 54 -10.59 -9.92 -32.63
CA MET C 54 -9.48 -9.20 -33.25
C MET C 54 -9.96 -8.34 -34.43
N VAL C 55 -10.91 -8.88 -35.19
CA VAL C 55 -11.56 -8.13 -36.29
C VAL C 55 -12.29 -6.90 -35.74
N LYS C 56 -13.08 -7.09 -34.68
CA LYS C 56 -13.75 -5.98 -33.98
C LYS C 56 -12.76 -4.87 -33.60
N LEU C 57 -11.57 -5.27 -33.15
CA LEU C 57 -10.51 -4.34 -32.76
C LEU C 57 -9.92 -3.57 -33.94
N GLY C 58 -9.89 -4.22 -35.11
CA GLY C 58 -9.43 -3.59 -36.35
C GLY C 58 -8.31 -4.33 -37.07
N LEU C 59 -8.18 -5.63 -36.80
CA LEU C 59 -7.14 -6.46 -37.44
C LEU C 59 -7.24 -6.42 -38.96
N GLY C 60 -8.46 -6.56 -39.48
CA GLY C 60 -8.71 -6.51 -40.91
C GLY C 60 -8.51 -5.13 -41.51
N ASN C 61 -8.56 -4.11 -40.64
CA ASN C 61 -8.31 -2.73 -41.07
C ASN C 61 -6.82 -2.44 -41.30
N ILE C 62 -5.95 -3.18 -40.60
CA ILE C 62 -4.51 -3.11 -40.84
C ILE C 62 -4.19 -3.71 -42.21
N ARG C 63 -4.68 -4.92 -42.44
CA ARG C 63 -4.63 -5.57 -43.75
C ARG C 63 -5.69 -6.64 -43.83
N GLU C 64 -6.33 -6.74 -44.99
CA GLU C 64 -7.39 -7.72 -45.21
C GLU C 64 -6.82 -9.07 -45.62
N MET C 65 -7.28 -10.11 -44.93
CA MET C 65 -6.83 -11.48 -45.17
C MET C 65 -8.04 -12.40 -45.14
N LYS C 66 -7.87 -13.64 -45.60
CA LYS C 66 -8.99 -14.58 -45.72
C LYS C 66 -9.69 -14.83 -44.37
N GLY C 67 -10.97 -14.49 -44.32
CA GLY C 67 -11.78 -14.62 -43.10
C GLY C 67 -11.71 -13.39 -42.21
N ILE C 68 -10.68 -12.57 -42.43
CA ILE C 68 -10.43 -11.38 -41.63
C ILE C 68 -10.66 -10.13 -42.47
N SER C 69 -11.84 -9.52 -42.31
CA SER C 69 -12.18 -8.34 -43.10
C SER C 69 -12.26 -7.11 -42.21
N LYS C 70 -12.17 -5.93 -42.84
CA LYS C 70 -12.23 -4.67 -42.10
C LYS C 70 -13.64 -4.40 -41.58
N VAL C 71 -13.72 -3.70 -40.45
CA VAL C 71 -15.00 -3.27 -39.88
C VAL C 71 -15.14 -1.76 -39.99
N GLU C 72 -16.38 -1.28 -40.00
CA GLU C 72 -16.65 0.16 -40.09
C GLU C 72 -16.26 0.88 -38.80
N LYS C 73 -16.65 0.30 -37.67
CA LYS C 73 -16.40 0.87 -36.35
C LYS C 73 -15.41 0.02 -35.55
N PRO C 74 -14.08 0.25 -35.76
CA PRO C 74 -13.10 -0.51 -34.98
C PRO C 74 -13.11 -0.06 -33.54
N LEU C 75 -13.05 -1.01 -32.61
CA LEU C 75 -13.08 -0.72 -31.18
C LEU C 75 -11.95 0.24 -30.76
N GLY C 76 -10.77 0.00 -31.31
CA GLY C 76 -9.61 0.85 -31.01
C GLY C 76 -8.82 1.27 -32.24
N TYR C 77 -7.63 1.82 -32.00
CA TYR C 77 -6.74 2.27 -33.05
C TYR C 77 -5.89 1.12 -33.58
N TYR C 78 -5.34 1.30 -34.77
CA TYR C 78 -4.66 0.21 -35.47
C TYR C 78 -3.58 0.70 -36.43
N THR C 79 -2.53 -0.12 -36.57
CA THR C 79 -1.47 0.06 -37.56
C THR C 79 -0.59 -1.19 -37.57
N LYS C 80 0.55 -1.12 -38.25
CA LYS C 80 1.57 -2.15 -38.11
C LYS C 80 2.90 -1.51 -37.70
N MET C 81 3.83 -2.33 -37.25
CA MET C 81 5.14 -1.84 -36.83
C MET C 81 6.28 -2.49 -37.61
N GLN C 82 7.26 -1.67 -37.99
CA GLN C 82 8.46 -2.12 -38.69
C GLN C 82 9.60 -2.24 -37.68
N GLU C 83 10.30 -3.38 -37.74
CA GLU C 83 11.44 -3.62 -36.86
C GLU C 83 12.68 -2.87 -37.34
N LYS C 84 13.29 -2.11 -36.43
CA LYS C 84 14.49 -1.33 -36.75
C LYS C 84 15.77 -2.11 -36.49
N SER C 85 15.78 -2.93 -35.43
CA SER C 85 16.94 -3.74 -35.07
C SER C 85 17.33 -4.72 -36.16
N THR C 86 18.60 -5.11 -36.18
CA THR C 86 19.16 -5.92 -37.27
C THR C 86 18.91 -7.43 -37.14
N GLY C 87 18.24 -7.83 -36.07
CA GLY C 87 17.86 -9.23 -35.86
C GLY C 87 16.35 -9.46 -35.87
N LYS C 88 15.95 -10.73 -35.96
CA LYS C 88 14.55 -11.12 -36.00
C LYS C 88 14.17 -12.14 -34.91
N ASP C 89 14.97 -12.19 -33.84
CA ASP C 89 14.75 -13.12 -32.73
C ASP C 89 13.83 -12.55 -31.64
N TPO C 90 13.43 -13.40 -30.68
CA TPO C 90 12.51 -13.00 -29.61
CB TPO C 90 12.06 -14.20 -28.77
CG2 TPO C 90 11.36 -13.79 -27.46
OG1 TPO C 90 11.16 -15.04 -29.51
P TPO C 90 11.11 -16.64 -29.24
O1P TPO C 90 11.98 -16.89 -28.03
O2P TPO C 90 11.64 -17.24 -30.50
O3P TPO C 90 9.64 -16.91 -28.98
C TPO C 90 13.09 -11.91 -28.71
O TPO C 90 12.42 -10.92 -28.44
N MET C 91 14.34 -12.09 -28.28
CA MET C 91 14.97 -11.11 -27.41
C MET C 91 15.07 -9.75 -28.09
N THR C 92 15.62 -9.73 -29.31
CA THR C 92 15.73 -8.50 -30.10
C THR C 92 14.39 -7.78 -30.21
N GLY C 93 13.35 -8.50 -30.62
CA GLY C 93 12.01 -7.93 -30.77
C GLY C 93 11.46 -7.31 -29.50
N HIS C 94 11.59 -8.03 -28.39
CA HIS C 94 11.08 -7.57 -27.09
C HIS C 94 11.90 -6.41 -26.52
N TRP C 95 13.21 -6.45 -26.71
CA TRP C 95 14.08 -5.37 -26.23
C TRP C 95 13.82 -4.08 -27.01
N GLU C 96 13.53 -4.22 -28.30
CA GLU C 96 13.14 -3.07 -29.12
C GLU C 96 11.79 -2.51 -28.67
N ILE C 97 10.81 -3.38 -28.43
CA ILE C 97 9.49 -2.98 -27.92
C ILE C 97 9.64 -2.09 -26.68
N MET C 98 10.57 -2.45 -25.80
CA MET C 98 10.77 -1.71 -24.56
C MET C 98 11.87 -0.64 -24.62
N GLY C 99 12.19 -0.20 -25.84
CA GLY C 99 12.93 1.06 -26.05
C GLY C 99 14.34 0.99 -26.59
N LEU C 100 14.84 -0.21 -26.88
CA LEU C 100 16.23 -0.37 -27.32
C LEU C 100 16.38 -0.46 -28.83
N TYR C 101 17.60 -0.30 -29.31
CA TYR C 101 17.95 -0.59 -30.69
C TYR C 101 19.10 -1.57 -30.70
N ILE C 102 18.88 -2.73 -31.31
CA ILE C 102 19.87 -3.80 -31.30
C ILE C 102 20.55 -3.94 -32.66
N ASP C 103 21.87 -3.75 -32.70
CA ASP C 103 22.63 -3.92 -33.94
C ASP C 103 23.61 -5.10 -33.89
N THR C 104 23.58 -5.84 -32.78
CA THR C 104 24.35 -7.09 -32.64
C THR C 104 23.38 -8.25 -32.39
N PRO C 105 22.82 -8.82 -33.47
CA PRO C 105 21.77 -9.83 -33.39
C PRO C 105 22.21 -11.14 -32.75
N PHE C 106 21.24 -11.85 -32.18
CA PHE C 106 21.48 -13.18 -31.63
C PHE C 106 21.34 -14.21 -32.74
N GLN C 107 22.33 -15.08 -32.84
CA GLN C 107 22.43 -16.01 -33.96
C GLN C 107 21.69 -17.31 -33.72
N VAL C 108 21.21 -17.92 -34.81
CA VAL C 108 20.68 -19.28 -34.79
C VAL C 108 21.67 -20.19 -35.52
N PHE C 109 21.67 -21.48 -35.18
CA PHE C 109 22.68 -22.41 -35.68
C PHE C 109 22.09 -23.67 -36.29
N PRO C 110 21.52 -23.56 -37.51
CA PRO C 110 20.83 -24.68 -38.15
C PRO C 110 21.74 -25.85 -38.53
N GLU C 111 23.06 -25.60 -38.57
CA GLU C 111 24.02 -26.65 -38.88
C GLU C 111 25.07 -26.80 -37.78
N GLY C 112 24.69 -26.38 -36.56
CA GLY C 112 25.56 -26.49 -35.41
C GLY C 112 26.39 -25.26 -35.14
N PHE C 113 27.05 -25.26 -33.97
CA PHE C 113 27.92 -24.17 -33.53
C PHE C 113 29.29 -24.25 -34.19
N PRO C 114 30.00 -23.10 -34.32
CA PRO C 114 31.32 -23.07 -34.96
C PRO C 114 32.36 -23.92 -34.25
N LYS C 115 33.33 -24.40 -35.02
CA LYS C 115 34.44 -25.22 -34.53
C LYS C 115 35.23 -24.55 -33.41
N GLU C 116 35.49 -23.25 -33.58
CA GLU C 116 36.30 -22.46 -32.64
C GLU C 116 35.67 -22.39 -31.25
N LEU C 117 34.35 -22.24 -31.20
CA LEU C 117 33.61 -22.16 -29.93
C LEU C 117 33.68 -23.49 -29.16
N LEU C 118 33.40 -24.58 -29.85
CA LEU C 118 33.38 -25.90 -29.23
C LEU C 118 34.76 -26.38 -28.78
N ASP C 119 35.80 -25.92 -29.49
CA ASP C 119 37.18 -26.14 -29.09
C ASP C 119 37.51 -25.42 -27.79
N GLU C 120 37.02 -24.18 -27.66
CA GLU C 120 37.23 -23.38 -26.46
C GLU C 120 36.48 -23.99 -25.27
N LEU C 121 35.29 -24.51 -25.54
CA LEU C 121 34.51 -25.19 -24.51
C LEU C 121 35.17 -26.50 -24.05
N GLU C 122 35.72 -27.27 -25.00
CA GLU C 122 36.48 -28.47 -24.66
C GLU C 122 37.71 -28.10 -23.83
N GLU C 123 38.40 -27.04 -24.25
CA GLU C 123 39.60 -26.55 -23.59
C GLU C 123 39.33 -26.02 -22.17
N LYS C 124 38.13 -25.47 -21.94
CA LYS C 124 37.79 -24.91 -20.62
C LYS C 124 37.20 -25.97 -19.66
N THR C 125 36.62 -27.02 -20.22
CA THR C 125 35.91 -28.01 -19.40
C THR C 125 36.67 -29.33 -19.23
N GLY C 126 37.57 -29.61 -20.15
CA GLY C 126 38.27 -30.90 -20.19
C GLY C 126 37.42 -32.03 -20.76
N ARG C 127 36.28 -31.68 -21.35
CA ARG C 127 35.38 -32.69 -21.93
C ARG C 127 35.20 -32.46 -23.42
N LYS C 128 35.13 -33.54 -24.19
CA LYS C 128 34.84 -33.44 -25.62
C LYS C 128 33.37 -33.06 -25.82
N ILE C 129 33.05 -32.53 -26.99
CA ILE C 129 31.70 -32.11 -27.32
C ILE C 129 31.11 -33.02 -28.40
N ILE C 130 29.90 -33.53 -28.15
CA ILE C 130 29.23 -34.37 -29.14
C ILE C 130 27.85 -33.81 -29.50
N GLY C 131 27.30 -34.26 -30.63
CA GLY C 131 26.01 -33.77 -31.12
C GLY C 131 26.18 -32.60 -32.06
N ASN C 132 26.13 -31.40 -31.49
CA ASN C 132 26.31 -30.14 -32.23
C ASN C 132 25.40 -30.00 -33.43
N LYS C 133 24.09 -30.03 -33.17
CA LYS C 133 23.08 -29.87 -34.21
C LYS C 133 21.75 -29.46 -33.60
N PRO C 134 20.81 -28.96 -34.41
CA PRO C 134 19.47 -28.77 -33.88
C PRO C 134 18.83 -30.12 -33.61
N ALA C 135 18.13 -30.22 -32.47
CA ALA C 135 17.45 -31.45 -32.09
C ALA C 135 16.48 -31.17 -30.96
N SER C 136 15.44 -32.00 -30.87
CA SER C 136 14.61 -32.05 -29.67
C SER C 136 15.41 -32.76 -28.57
N GLY C 137 15.07 -32.47 -27.31
CA GLY C 137 15.72 -33.11 -26.18
C GLY C 137 15.61 -34.63 -26.25
N THR C 138 14.44 -35.11 -26.67
CA THR C 138 14.18 -36.56 -26.74
C THR C 138 15.08 -37.25 -27.78
N GLU C 139 15.14 -36.71 -28.99
CA GLU C 139 15.90 -37.35 -30.08
C GLU C 139 17.41 -37.35 -29.83
N ILE C 140 17.93 -36.26 -29.26
CA ILE C 140 19.37 -36.16 -29.01
C ILE C 140 19.83 -37.11 -27.90
N LEU C 141 18.96 -37.35 -26.92
CA LEU C 141 19.28 -38.28 -25.83
C LEU C 141 19.18 -39.73 -26.30
N ASP C 142 18.15 -40.02 -27.12
CA ASP C 142 18.03 -41.33 -27.76
C ASP C 142 19.31 -41.66 -28.53
N GLU C 143 19.83 -40.67 -29.24
CA GLU C 143 21.01 -40.86 -30.10
C GLU C 143 22.33 -40.95 -29.33
N LEU C 144 22.52 -40.03 -28.38
CA LEU C 144 23.84 -39.79 -27.81
C LEU C 144 23.95 -39.97 -26.30
N GLY C 145 22.81 -40.23 -25.64
CA GLY C 145 22.78 -40.42 -24.19
C GLY C 145 23.78 -41.47 -23.71
N GLN C 146 23.83 -42.61 -24.40
CA GLN C 146 24.72 -43.69 -24.00
C GLN C 146 26.19 -43.30 -24.13
N GLU C 147 26.56 -42.67 -25.25
CA GLU C 147 27.93 -42.23 -25.46
C GLU C 147 28.35 -41.18 -24.43
N GLN C 148 27.41 -40.29 -24.10
CA GLN C 148 27.62 -39.28 -23.05
C GLN C 148 27.98 -39.93 -21.72
N MET C 149 27.18 -40.90 -21.29
CA MET C 149 27.46 -41.65 -20.05
C MET C 149 28.83 -42.31 -20.05
N GLU C 150 29.19 -42.92 -21.19
CA GLU C 150 30.42 -43.71 -21.33
C GLU C 150 31.69 -42.86 -21.38
N THR C 151 31.59 -41.67 -21.94
CA THR C 151 32.77 -40.83 -22.21
C THR C 151 32.89 -39.64 -21.27
N GLY C 152 31.76 -39.15 -20.78
CA GLY C 152 31.75 -37.90 -20.02
C GLY C 152 31.77 -36.69 -20.95
N SER C 153 31.66 -36.94 -22.26
CA SER C 153 31.55 -35.87 -23.26
C SER C 153 30.25 -35.10 -23.05
N LEU C 154 30.22 -33.86 -23.51
CA LEU C 154 29.04 -33.02 -23.36
C LEU C 154 28.19 -33.02 -24.62
N ILE C 155 26.90 -33.28 -24.47
CA ILE C 155 25.96 -33.19 -25.58
C ILE C 155 25.57 -31.72 -25.72
N VAL C 156 26.05 -31.09 -26.78
CA VAL C 156 25.70 -29.69 -27.05
C VAL C 156 24.77 -29.65 -28.25
N TYR C 157 23.62 -29.01 -28.09
CA TYR C 157 22.66 -28.92 -29.17
C TYR C 157 21.86 -27.63 -29.13
N THR C 158 21.06 -27.43 -30.17
CA THR C 158 20.27 -26.21 -30.27
C THR C 158 18.83 -26.54 -30.66
N SER C 159 17.96 -25.54 -30.56
CA SER C 159 16.59 -25.66 -31.05
C SER C 159 16.50 -24.87 -32.36
N ALA C 160 15.29 -24.39 -32.70
CA ALA C 160 15.16 -23.48 -33.82
C ALA C 160 15.48 -22.03 -33.42
N ASP C 161 15.55 -21.78 -32.11
CA ASP C 161 15.84 -20.45 -31.56
C ASP C 161 17.31 -20.26 -31.16
N SER C 162 17.63 -19.07 -30.66
CA SER C 162 19.01 -18.71 -30.30
C SER C 162 19.39 -19.23 -28.92
N VAL C 163 19.53 -20.56 -28.81
CA VAL C 163 19.89 -21.19 -27.54
C VAL C 163 21.05 -22.16 -27.73
N LEU C 164 21.86 -22.31 -26.68
CA LEU C 164 22.87 -23.35 -26.61
C LEU C 164 22.51 -24.23 -25.43
N GLN C 165 22.19 -25.49 -25.71
CA GLN C 165 21.75 -26.40 -24.65
C GLN C 165 22.82 -27.45 -24.41
N ILE C 166 23.08 -27.72 -23.12
CA ILE C 166 24.12 -28.69 -22.74
C ILE C 166 23.51 -29.80 -21.88
N ALA C 167 23.50 -31.01 -22.42
CA ALA C 167 22.95 -32.17 -21.74
C ALA C 167 24.05 -33.09 -21.21
N ALA C 168 23.89 -33.52 -19.97
CA ALA C 168 24.79 -34.50 -19.37
C ALA C 168 23.98 -35.31 -18.38
N HIS C 169 24.28 -36.60 -18.29
CA HIS C 169 23.59 -37.49 -17.38
C HIS C 169 23.99 -37.17 -15.95
N GLU C 170 23.00 -36.98 -15.08
CA GLU C 170 23.26 -36.62 -13.67
C GLU C 170 24.04 -37.64 -12.85
N GLU C 171 23.99 -38.91 -13.25
CA GLU C 171 24.74 -39.97 -12.56
C GLU C 171 26.22 -39.93 -12.91
N VAL C 172 26.57 -39.12 -13.91
CA VAL C 172 27.92 -39.08 -14.49
C VAL C 172 28.51 -37.67 -14.31
N VAL C 173 27.69 -36.66 -14.52
CA VAL C 173 28.07 -35.27 -14.28
C VAL C 173 27.07 -34.66 -13.29
N PRO C 174 27.51 -34.43 -12.04
CA PRO C 174 26.63 -33.84 -11.01
C PRO C 174 26.00 -32.54 -11.48
N LEU C 175 24.79 -32.23 -11.03
CA LEU C 175 24.09 -31.02 -11.47
C LEU C 175 24.92 -29.74 -11.29
N ASP C 176 25.57 -29.61 -10.13
CA ASP C 176 26.39 -28.42 -9.85
C ASP C 176 27.56 -28.31 -10.83
N GLU C 177 28.05 -29.46 -11.31
CA GLU C 177 29.13 -29.48 -12.30
C GLU C 177 28.59 -29.07 -13.67
N LEU C 178 27.37 -29.48 -13.99
CA LEU C 178 26.76 -29.05 -15.25
C LEU C 178 26.52 -27.54 -15.22
N TYR C 179 26.10 -27.03 -14.08
CA TYR C 179 25.92 -25.58 -13.91
C TYR C 179 27.23 -24.84 -14.16
N LYS C 180 28.33 -25.35 -13.59
CA LYS C 180 29.65 -24.75 -13.81
C LYS C 180 29.99 -24.71 -15.30
N ILE C 181 29.71 -25.82 -15.98
CA ILE C 181 29.98 -25.95 -17.41
C ILE C 181 29.13 -24.96 -18.23
N CYS C 182 27.86 -24.82 -17.85
CA CYS C 182 26.98 -23.85 -18.51
C CYS C 182 27.43 -22.41 -18.27
N LYS C 183 27.92 -22.11 -17.07
CA LYS C 183 28.41 -20.77 -16.76
C LYS C 183 29.63 -20.45 -17.62
N ILE C 184 30.48 -21.44 -17.86
CA ILE C 184 31.64 -21.28 -18.73
C ILE C 184 31.16 -21.01 -20.16
N ALA C 185 30.23 -21.82 -20.65
CA ALA C 185 29.68 -21.66 -22.00
C ALA C 185 29.02 -20.29 -22.20
N ARG C 186 28.33 -19.81 -21.17
CA ARG C 186 27.72 -18.47 -21.20
C ARG C 186 28.78 -17.39 -21.38
N GLU C 187 29.90 -17.54 -20.68
CA GLU C 187 30.99 -16.57 -20.78
C GLU C 187 31.62 -16.57 -22.18
N LEU C 188 31.72 -17.75 -22.78
CA LEU C 188 32.33 -17.89 -24.11
C LEU C 188 31.43 -17.36 -25.24
N THR C 189 30.11 -17.41 -25.02
CA THR C 189 29.13 -17.01 -26.03
C THR C 189 28.70 -15.55 -25.89
N LEU C 190 29.50 -14.78 -25.15
CA LEU C 190 29.35 -13.33 -25.08
C LEU C 190 30.01 -12.68 -26.30
N ASP C 191 30.90 -13.44 -26.93
CA ASP C 191 31.68 -12.98 -28.08
C ASP C 191 30.78 -12.63 -29.27
N GLU C 192 31.15 -11.58 -29.99
CA GLU C 192 30.45 -11.12 -31.18
C GLU C 192 30.32 -12.24 -32.23
N LYS C 193 31.38 -13.01 -32.40
CA LYS C 193 31.44 -14.13 -33.35
C LYS C 193 30.23 -15.05 -33.26
N TYR C 194 29.86 -15.43 -32.04
CA TYR C 194 28.77 -16.38 -31.81
C TYR C 194 27.98 -16.04 -30.55
N MET C 195 27.23 -14.95 -30.63
CA MET C 195 26.41 -14.50 -29.50
C MET C 195 25.08 -15.22 -29.43
N VAL C 196 24.94 -16.07 -28.42
CA VAL C 196 23.72 -16.85 -28.21
C VAL C 196 22.82 -16.15 -27.20
N GLY C 197 21.52 -16.21 -27.43
CA GLY C 197 20.55 -15.59 -26.53
C GLY C 197 20.57 -16.18 -25.13
N ARG C 198 20.60 -17.51 -25.06
CA ARG C 198 20.49 -18.20 -23.80
C ARG C 198 21.27 -19.51 -23.81
N VAL C 199 21.96 -19.79 -22.70
CA VAL C 199 22.57 -21.08 -22.43
C VAL C 199 21.66 -21.83 -21.44
N ILE C 200 21.30 -23.07 -21.77
CA ILE C 200 20.34 -23.82 -20.95
C ILE C 200 20.94 -25.15 -20.51
N ALA C 201 20.94 -25.40 -19.20
CA ALA C 201 21.33 -26.70 -18.65
C ALA C 201 20.26 -27.74 -18.99
N ARG C 202 20.69 -28.89 -19.49
CA ARG C 202 19.76 -29.98 -19.81
C ARG C 202 20.17 -31.32 -19.16
N PRO C 203 20.12 -31.37 -17.81
CA PRO C 203 20.44 -32.63 -17.13
C PRO C 203 19.44 -33.71 -17.50
N PHE C 204 19.90 -34.95 -17.56
CA PHE C 204 19.00 -36.07 -17.80
C PHE C 204 19.37 -37.27 -16.93
N VAL C 205 18.44 -38.21 -16.83
CA VAL C 205 18.64 -39.44 -16.07
C VAL C 205 18.16 -40.62 -16.91
N GLY C 206 18.24 -41.82 -16.35
CA GLY C 206 17.71 -43.01 -16.99
C GLY C 206 18.78 -43.94 -17.53
N GLU C 207 18.34 -44.89 -18.35
CA GLU C 207 19.23 -45.89 -18.92
C GLU C 207 19.08 -45.94 -20.45
N PRO C 208 20.01 -46.58 -21.17
CA PRO C 208 19.90 -46.69 -22.63
C PRO C 208 18.50 -47.14 -23.07
N GLY C 209 17.91 -46.37 -23.99
CA GLY C 209 16.56 -46.65 -24.49
C GLY C 209 15.45 -46.06 -23.64
N ASN C 210 15.83 -45.35 -22.56
CA ASN C 210 14.88 -44.78 -21.61
C ASN C 210 15.47 -43.55 -20.91
N PHE C 211 16.09 -42.67 -21.68
CA PHE C 211 16.63 -41.42 -21.14
C PHE C 211 15.55 -40.34 -21.09
N THR C 212 15.52 -39.59 -20.00
CA THR C 212 14.54 -38.52 -19.83
C THR C 212 15.18 -37.29 -19.21
N ARG C 213 14.85 -36.13 -19.78
CA ARG C 213 15.30 -34.84 -19.27
C ARG C 213 14.64 -34.66 -17.90
N THR C 214 15.40 -34.21 -16.92
CA THR C 214 14.82 -33.92 -15.61
C THR C 214 14.11 -32.56 -15.63
N PRO C 215 13.15 -32.34 -14.70
CA PRO C 215 12.45 -31.04 -14.61
C PRO C 215 13.34 -29.96 -13.98
N ASN C 216 14.33 -29.52 -14.73
CA ASN C 216 15.28 -28.52 -14.28
C ASN C 216 15.06 -27.21 -15.03
N ARG C 217 15.01 -26.10 -14.30
CA ARG C 217 14.99 -24.79 -14.91
C ARG C 217 16.16 -23.97 -14.40
N HIS C 218 17.24 -23.96 -15.17
CA HIS C 218 18.42 -23.19 -14.81
C HIS C 218 19.14 -22.78 -16.09
N ASP C 219 19.09 -21.49 -16.36
CA ASP C 219 19.68 -20.93 -17.57
C ASP C 219 20.42 -19.62 -17.31
N TYR C 220 21.11 -19.15 -18.34
CA TYR C 220 21.99 -18.01 -18.24
C TYR C 220 21.66 -17.07 -19.38
N ALA C 221 20.87 -16.05 -19.08
CA ALA C 221 20.38 -15.13 -20.10
C ALA C 221 21.18 -13.84 -20.07
N LEU C 222 21.18 -13.13 -21.19
CA LEU C 222 21.76 -11.79 -21.23
C LEU C 222 20.75 -10.79 -20.72
N LYS C 223 21.24 -9.84 -19.94
CA LYS C 223 20.44 -8.67 -19.59
C LYS C 223 20.31 -7.80 -20.84
N PRO C 224 19.17 -7.10 -21.00
CA PRO C 224 19.02 -6.18 -22.13
C PRO C 224 20.21 -5.22 -22.20
N PHE C 225 20.60 -4.84 -23.42
CA PHE C 225 21.77 -3.97 -23.63
C PHE C 225 21.45 -2.52 -23.31
N GLY C 226 21.13 -2.26 -22.06
CA GLY C 226 20.76 -0.93 -21.62
C GLY C 226 19.46 -0.98 -20.86
N ARG C 227 19.20 0.07 -20.09
CA ARG C 227 17.96 0.19 -19.35
C ARG C 227 16.77 0.28 -20.29
N THR C 228 15.72 -0.44 -19.97
CA THR C 228 14.49 -0.44 -20.75
C THR C 228 13.45 0.42 -20.06
N VAL C 229 12.32 0.62 -20.73
CA VAL C 229 11.17 1.32 -20.15
C VAL C 229 10.69 0.63 -18.86
N MET C 230 10.80 -0.70 -18.83
CA MET C 230 10.46 -1.46 -17.62
C MET C 230 11.31 -1.05 -16.44
N ASN C 231 12.63 -0.91 -16.64
CA ASN C 231 13.51 -0.39 -15.60
C ASN C 231 13.04 0.96 -15.08
N GLU C 232 12.65 1.83 -16.01
CA GLU C 232 12.22 3.19 -15.64
C GLU C 232 10.93 3.17 -14.84
N LEU C 233 9.98 2.35 -15.29
CA LEU C 233 8.73 2.14 -14.55
C LEU C 233 8.97 1.62 -13.13
N LYS C 234 9.77 0.57 -13.01
CA LYS C 234 10.06 -0.06 -11.70
C LYS C 234 10.74 0.92 -10.75
N ASP C 235 11.74 1.65 -11.26
CA ASP C 235 12.48 2.61 -10.45
C ASP C 235 11.62 3.82 -10.05
N SER C 236 10.54 4.06 -10.80
CA SER C 236 9.59 5.13 -10.47
C SER C 236 8.39 4.63 -9.64
N ASP C 237 8.53 3.43 -9.08
CA ASP C 237 7.55 2.87 -8.14
C ASP C 237 6.23 2.44 -8.81
N TYR C 238 6.29 2.08 -10.08
CA TYR C 238 5.14 1.50 -10.75
C TYR C 238 5.19 -0.01 -10.67
N ASP C 239 4.01 -0.64 -10.77
CA ASP C 239 3.92 -2.08 -10.88
C ASP C 239 4.26 -2.51 -12.29
N VAL C 240 5.09 -3.54 -12.40
CA VAL C 240 5.46 -4.15 -13.68
C VAL C 240 5.25 -5.65 -13.54
N ILE C 241 4.11 -6.13 -14.01
CA ILE C 241 3.74 -7.53 -13.86
C ILE C 241 4.05 -8.25 -15.16
N ALA C 242 4.95 -9.22 -15.08
CA ALA C 242 5.38 -9.98 -16.25
C ALA C 242 4.67 -11.33 -16.26
N ILE C 243 4.06 -11.67 -17.39
CA ILE C 243 3.32 -12.93 -17.51
C ILE C 243 3.96 -13.83 -18.56
N GLY C 244 4.21 -15.08 -18.18
CA GLY C 244 4.81 -16.07 -19.10
C GLY C 244 6.31 -15.87 -19.21
N LYS C 245 6.82 -15.90 -20.44
CA LYS C 245 8.26 -15.80 -20.71
C LYS C 245 8.84 -14.39 -20.57
N ILE C 246 7.98 -13.40 -20.31
CA ILE C 246 8.41 -11.99 -20.27
C ILE C 246 9.60 -11.74 -19.31
N SER C 247 9.51 -12.24 -18.09
CA SER C 247 10.60 -12.03 -17.14
C SER C 247 11.91 -12.65 -17.66
N ASP C 248 11.84 -13.87 -18.17
CA ASP C 248 13.02 -14.54 -18.75
C ASP C 248 13.64 -13.73 -19.89
N ILE C 249 12.78 -13.19 -20.76
CA ILE C 249 13.20 -12.47 -21.95
C ILE C 249 14.02 -11.22 -21.58
N TYR C 250 13.63 -10.55 -20.49
CA TYR C 250 14.32 -9.36 -20.01
C TYR C 250 15.27 -9.65 -18.84
N ASP C 251 15.49 -10.93 -18.54
CA ASP C 251 16.27 -11.37 -17.37
C ASP C 251 15.85 -10.65 -16.09
N GLY C 252 14.53 -10.47 -15.93
CA GLY C 252 13.95 -9.90 -14.71
C GLY C 252 14.08 -8.39 -14.59
N GLU C 253 14.69 -7.77 -15.59
CA GLU C 253 14.97 -6.33 -15.51
C GLU C 253 13.70 -5.49 -15.56
N GLY C 254 13.46 -4.78 -14.47
CA GLY C 254 12.30 -3.90 -14.35
C GLY C 254 11.03 -4.59 -13.92
N VAL C 255 11.12 -5.89 -13.60
CA VAL C 255 9.95 -6.70 -13.23
C VAL C 255 9.70 -6.63 -11.73
N THR C 256 8.46 -6.36 -11.34
CA THR C 256 8.12 -6.35 -9.90
C THR C 256 7.38 -7.62 -9.46
N GLU C 257 6.73 -8.29 -10.40
CA GLU C 257 6.07 -9.56 -10.14
C GLU C 257 6.06 -10.38 -11.41
N SER C 258 6.41 -11.66 -11.30
CA SER C 258 6.42 -12.53 -12.47
C SER C 258 5.47 -13.70 -12.26
N LEU C 259 4.66 -13.97 -13.27
CA LEU C 259 3.69 -15.06 -13.22
C LEU C 259 4.00 -16.02 -14.36
N ARG C 260 4.59 -17.16 -14.03
CA ARG C 260 4.90 -18.18 -15.03
C ARG C 260 3.61 -18.81 -15.56
N THR C 261 3.64 -19.22 -16.83
CA THR C 261 2.49 -19.86 -17.46
C THR C 261 2.90 -21.15 -18.17
N LYS C 262 1.94 -22.06 -18.36
CA LYS C 262 2.23 -23.34 -19.01
C LYS C 262 1.58 -23.52 -20.38
N SER C 263 0.72 -22.57 -20.78
CA SER C 263 0.06 -22.58 -22.10
C SER C 263 -0.47 -21.20 -22.43
N ASN C 264 -0.88 -21.00 -23.69
CA ASN C 264 -1.55 -19.76 -24.09
C ASN C 264 -2.83 -19.48 -23.28
N MET C 265 -3.60 -20.52 -22.97
CA MET C 265 -4.82 -20.37 -22.17
C MET C 265 -4.52 -20.02 -20.72
N ASP C 266 -3.45 -20.62 -20.19
CA ASP C 266 -2.96 -20.28 -18.86
C ASP C 266 -2.49 -18.82 -18.84
N GLY C 267 -1.86 -18.38 -19.93
CA GLY C 267 -1.44 -16.99 -20.10
C GLY C 267 -2.61 -16.01 -20.07
N MET C 268 -3.68 -16.35 -20.79
CA MET C 268 -4.89 -15.54 -20.80
C MET C 268 -5.57 -15.54 -19.42
N ASP C 269 -5.53 -16.67 -18.72
CA ASP C 269 -6.03 -16.76 -17.34
C ASP C 269 -5.28 -15.80 -16.41
N LYS C 270 -3.96 -15.76 -16.55
CA LYS C 270 -3.13 -14.86 -15.74
C LYS C 270 -3.36 -13.39 -16.10
N LEU C 271 -3.58 -13.11 -17.39
CA LEU C 271 -3.93 -11.78 -17.84
C LEU C 271 -5.20 -11.30 -17.13
N VAL C 272 -6.21 -12.16 -17.08
CA VAL C 272 -7.46 -11.89 -16.35
C VAL C 272 -7.22 -11.71 -14.85
N ASP C 273 -6.33 -12.52 -14.27
CA ASP C 273 -5.91 -12.33 -12.88
C ASP C 273 -5.38 -10.91 -12.64
N THR C 274 -4.57 -10.40 -13.57
CA THR C 274 -4.01 -9.04 -13.40
C THR C 274 -5.06 -7.95 -13.59
N LEU C 275 -6.01 -8.18 -14.50
CA LEU C 275 -7.15 -7.29 -14.66
C LEU C 275 -7.96 -7.18 -13.36
N ASN C 276 -8.01 -8.28 -12.62
CA ASN C 276 -8.70 -8.35 -11.33
C ASN C 276 -7.89 -7.80 -10.15
N MET C 277 -6.62 -7.49 -10.38
CA MET C 277 -5.77 -6.84 -9.38
C MET C 277 -5.92 -5.34 -9.49
N ASP C 278 -5.70 -4.64 -8.38
CA ASP C 278 -5.57 -3.20 -8.43
C ASP C 278 -4.09 -2.89 -8.47
N PHE C 279 -3.65 -2.29 -9.58
CA PHE C 279 -2.25 -1.87 -9.71
C PHE C 279 -2.17 -0.64 -10.60
N THR C 280 -1.02 0.01 -10.63
CA THR C 280 -0.78 1.05 -11.62
C THR C 280 0.58 0.84 -12.27
N GLY C 281 0.59 0.84 -13.60
CA GLY C 281 1.79 0.49 -14.35
C GLY C 281 1.45 -0.47 -15.48
N LEU C 282 2.31 -1.46 -15.68
CA LEU C 282 2.25 -2.32 -16.85
C LEU C 282 2.01 -3.77 -16.48
N SER C 283 1.08 -4.40 -17.17
CA SER C 283 0.94 -5.85 -17.17
C SER C 283 1.33 -6.31 -18.57
N PHE C 284 2.33 -7.18 -18.63
CA PHE C 284 3.01 -7.51 -19.89
C PHE C 284 2.98 -9.03 -20.09
N LEU C 285 2.23 -9.46 -21.12
CA LEU C 285 2.04 -10.89 -21.40
C LEU C 285 2.73 -11.33 -22.70
N ASN C 286 3.37 -12.48 -22.65
CA ASN C 286 3.84 -13.17 -23.86
C ASN C 286 3.08 -14.47 -24.03
N LEU C 287 2.42 -14.60 -25.20
CA LEU C 287 1.77 -15.85 -25.58
C LEU C 287 2.72 -16.60 -26.52
N VAL C 288 3.41 -17.60 -25.98
CA VAL C 288 4.55 -18.20 -26.65
C VAL C 288 4.21 -19.39 -27.56
N ASP C 289 3.07 -20.03 -27.32
CA ASP C 289 2.68 -21.24 -28.07
C ASP C 289 2.72 -21.06 -29.58
N PHE C 290 2.30 -19.88 -30.06
CA PHE C 290 2.30 -19.59 -31.50
C PHE C 290 3.65 -19.87 -32.12
N ASP C 291 4.70 -19.41 -31.43
CA ASP C 291 6.07 -19.59 -31.88
C ASP C 291 6.60 -20.99 -31.60
N ALA C 292 6.51 -21.39 -30.34
CA ALA C 292 7.13 -22.62 -29.84
C ALA C 292 6.52 -23.91 -30.38
N LEU C 293 5.19 -23.94 -30.50
CA LEU C 293 4.50 -25.18 -30.87
C LEU C 293 4.10 -25.25 -32.33
N PHE C 294 3.92 -24.10 -32.98
CA PHE C 294 3.31 -24.08 -34.30
C PHE C 294 4.13 -23.41 -35.39
N GLY C 295 4.79 -22.30 -35.06
CA GLY C 295 5.62 -21.57 -36.02
C GLY C 295 6.83 -22.37 -36.45
N HIS C 296 7.67 -22.73 -35.48
CA HIS C 296 8.90 -23.47 -35.76
C HIS C 296 8.64 -24.89 -36.29
N ARG C 297 7.54 -25.49 -35.84
CA ARG C 297 7.16 -26.83 -36.31
C ARG C 297 6.45 -26.79 -37.66
N ARG C 298 6.27 -25.58 -38.19
CA ARG C 298 5.61 -25.36 -39.48
C ARG C 298 4.27 -26.09 -39.56
N ASP C 299 3.40 -25.74 -38.61
CA ASP C 299 2.11 -26.40 -38.42
C ASP C 299 1.01 -25.33 -38.58
N PRO C 300 0.57 -25.08 -39.82
CA PRO C 300 -0.44 -24.04 -40.05
C PRO C 300 -1.80 -24.34 -39.40
N GLN C 301 -2.19 -25.61 -39.39
CA GLN C 301 -3.46 -26.03 -38.77
C GLN C 301 -3.48 -25.72 -37.27
N GLY C 302 -2.48 -26.22 -36.55
CA GLY C 302 -2.37 -25.99 -35.10
C GLY C 302 -2.23 -24.52 -34.74
N TYR C 303 -1.51 -23.78 -35.58
CA TYR C 303 -1.34 -22.33 -35.42
C TYR C 303 -2.69 -21.63 -35.58
N GLY C 304 -3.45 -22.03 -36.59
CA GLY C 304 -4.77 -21.49 -36.86
C GLY C 304 -5.74 -21.74 -35.72
N GLU C 305 -5.74 -22.97 -35.20
CA GLU C 305 -6.57 -23.35 -34.07
C GLU C 305 -6.18 -22.60 -32.80
N ALA C 306 -4.88 -22.40 -32.59
CA ALA C 306 -4.39 -21.63 -31.44
C ALA C 306 -4.85 -20.18 -31.49
N LEU C 307 -4.78 -19.57 -32.67
CA LEU C 307 -5.19 -18.18 -32.86
C LEU C 307 -6.69 -17.98 -32.62
N GLN C 308 -7.47 -18.97 -33.04
CA GLN C 308 -8.92 -18.94 -32.81
C GLN C 308 -9.27 -19.19 -31.34
N GLU C 309 -8.52 -20.07 -30.68
CA GLU C 309 -8.70 -20.33 -29.25
C GLU C 309 -8.32 -19.11 -28.40
N TYR C 310 -7.28 -18.41 -28.84
CA TYR C 310 -6.89 -17.13 -28.22
C TYR C 310 -7.98 -16.07 -28.39
N ASP C 311 -8.50 -15.95 -29.61
CA ASP C 311 -9.51 -14.94 -29.93
C ASP C 311 -10.76 -15.07 -29.07
N ALA C 312 -11.17 -16.31 -28.80
CA ALA C 312 -12.36 -16.60 -28.00
C ALA C 312 -12.24 -16.18 -26.54
N ARG C 313 -11.00 -15.93 -26.09
CA ARG C 313 -10.73 -15.48 -24.72
C ARG C 313 -10.86 -13.96 -24.56
N LEU C 314 -10.85 -13.24 -25.69
CA LEU C 314 -10.81 -11.78 -25.68
C LEU C 314 -12.05 -11.05 -25.13
N PRO C 315 -13.27 -11.59 -25.35
CA PRO C 315 -14.44 -10.94 -24.75
C PRO C 315 -14.34 -10.76 -23.24
N GLU C 316 -13.81 -11.77 -22.55
CA GLU C 316 -13.61 -11.70 -21.10
C GLU C 316 -12.66 -10.56 -20.72
N VAL C 317 -11.62 -10.37 -21.53
CA VAL C 317 -10.67 -9.27 -21.37
C VAL C 317 -11.34 -7.92 -21.62
N PHE C 318 -12.11 -7.82 -22.70
CA PHE C 318 -12.81 -6.58 -23.06
C PHE C 318 -13.74 -6.10 -21.94
N ALA C 319 -14.42 -7.06 -21.31
CA ALA C 319 -15.41 -6.78 -20.28
C ALA C 319 -14.79 -6.28 -18.98
N LYS C 320 -13.53 -6.68 -18.73
CA LYS C 320 -12.79 -6.29 -17.53
C LYS C 320 -12.10 -4.93 -17.68
N LEU C 321 -11.84 -4.53 -18.93
CA LEU C 321 -11.18 -3.26 -19.21
C LEU C 321 -11.97 -2.08 -18.66
N LYS C 322 -11.29 -1.19 -17.94
CA LYS C 322 -11.92 0.01 -17.39
C LYS C 322 -11.58 1.25 -18.24
N GLU C 323 -12.29 2.34 -18.00
CA GLU C 323 -12.13 3.59 -18.75
C GLU C 323 -10.68 4.09 -18.83
N ASP C 324 -9.93 3.93 -17.73
CA ASP C 324 -8.53 4.35 -17.69
C ASP C 324 -7.54 3.19 -17.89
N ASP C 325 -7.98 2.16 -18.63
CA ASP C 325 -7.09 1.06 -19.05
C ASP C 325 -6.81 1.15 -20.54
N LEU C 326 -5.60 0.79 -20.95
CA LEU C 326 -5.26 0.65 -22.36
C LEU C 326 -4.74 -0.76 -22.67
N LEU C 327 -5.37 -1.42 -23.62
CA LEU C 327 -4.92 -2.71 -24.12
C LEU C 327 -4.10 -2.50 -25.39
N LEU C 328 -2.89 -3.07 -25.40
CA LEU C 328 -2.03 -3.06 -26.58
C LEU C 328 -1.73 -4.50 -26.99
N ILE C 329 -2.03 -4.81 -28.24
CA ILE C 329 -1.78 -6.14 -28.79
C ILE C 329 -0.82 -6.00 -29.97
N THR C 330 0.27 -6.76 -29.94
CA THR C 330 1.30 -6.70 -30.97
C THR C 330 2.01 -8.06 -31.12
N ALA C 331 3.11 -8.07 -31.88
CA ALA C 331 3.97 -9.24 -31.98
C ALA C 331 5.43 -8.79 -31.96
N ASP C 332 6.35 -9.75 -31.93
CA ASP C 332 7.79 -9.45 -31.82
C ASP C 332 8.61 -9.79 -33.08
N HIS C 333 7.95 -10.46 -34.02
CA HIS C 333 8.52 -10.86 -35.32
C HIS C 333 7.48 -11.76 -35.98
N GLY C 334 7.84 -12.33 -37.13
CA GLY C 334 7.00 -13.33 -37.76
C GLY C 334 7.59 -14.71 -37.60
N ASN C 335 6.77 -15.73 -37.83
CA ASN C 335 7.22 -17.11 -37.89
C ASN C 335 6.25 -17.92 -38.74
N ASP C 336 6.32 -17.65 -40.05
CA ASP C 336 5.39 -18.16 -41.03
C ASP C 336 5.42 -19.69 -41.07
N PRO C 337 4.31 -20.34 -40.69
CA PRO C 337 4.29 -21.81 -40.61
C PRO C 337 4.26 -22.55 -41.96
N ILE C 338 4.35 -21.82 -43.07
CA ILE C 338 4.51 -22.47 -44.39
C ILE C 338 5.87 -22.17 -45.03
N HIS C 339 6.64 -21.30 -44.38
CA HIS C 339 7.96 -20.87 -44.86
C HIS C 339 8.96 -22.03 -44.86
N PRO C 340 9.91 -22.03 -45.82
CA PRO C 340 11.00 -23.02 -45.81
C PRO C 340 11.87 -22.91 -44.55
N GLY C 341 12.55 -24.01 -44.21
CA GLY C 341 13.42 -24.03 -43.04
C GLY C 341 12.65 -24.01 -41.74
N THR C 342 13.29 -23.50 -40.69
CA THR C 342 12.71 -23.51 -39.34
C THR C 342 12.85 -22.17 -38.61
N ASP C 343 13.38 -21.16 -39.30
CA ASP C 343 13.69 -19.87 -38.66
C ASP C 343 12.48 -18.92 -38.64
N HIS C 344 12.58 -17.87 -37.83
CA HIS C 344 11.63 -16.78 -37.85
C HIS C 344 11.62 -16.13 -39.24
N THR C 345 10.60 -15.31 -39.47
CA THR C 345 10.48 -14.56 -40.71
C THR C 345 10.41 -13.07 -40.39
N ARG C 346 11.13 -12.28 -41.18
CA ARG C 346 11.23 -10.84 -40.98
C ARG C 346 9.97 -10.17 -41.51
N GLU C 347 9.10 -9.79 -40.59
CA GLU C 347 7.77 -9.29 -40.93
C GLU C 347 7.40 -8.04 -40.16
N TYR C 348 6.47 -7.28 -40.72
CA TYR C 348 5.71 -6.30 -39.97
C TYR C 348 4.97 -7.05 -38.88
N VAL C 349 4.73 -6.37 -37.77
CA VAL C 349 3.89 -6.89 -36.69
C VAL C 349 2.67 -5.99 -36.54
N PRO C 350 1.51 -6.58 -36.21
CA PRO C 350 0.30 -5.76 -36.03
C PRO C 350 0.38 -4.91 -34.78
N LEU C 351 -0.41 -3.84 -34.72
CA LEU C 351 -0.57 -3.07 -33.49
C LEU C 351 -2.02 -2.65 -33.33
N LEU C 352 -2.60 -3.02 -32.19
CA LEU C 352 -3.96 -2.64 -31.85
C LEU C 352 -3.93 -2.01 -30.48
N ALA C 353 -4.54 -0.82 -30.38
CA ALA C 353 -4.55 -0.06 -29.15
C ALA C 353 -5.99 0.30 -28.81
N TYR C 354 -6.50 -0.28 -27.72
CA TYR C 354 -7.90 -0.12 -27.37
C TYR C 354 -8.12 0.23 -25.89
N SER C 355 -8.93 1.25 -25.67
CA SER C 355 -9.45 1.61 -24.36
C SER C 355 -10.96 1.82 -24.48
N PRO C 356 -11.73 1.35 -23.49
CA PRO C 356 -13.18 1.60 -23.41
C PRO C 356 -13.53 3.09 -23.40
N SER C 357 -12.54 3.94 -23.15
CA SER C 357 -12.73 5.40 -23.19
C SER C 357 -12.79 5.96 -24.62
N MET C 358 -12.44 5.13 -25.61
CA MET C 358 -12.53 5.52 -27.02
C MET C 358 -13.98 5.41 -27.51
N LYS C 359 -14.79 6.39 -27.10
CA LYS C 359 -16.24 6.37 -27.35
C LYS C 359 -16.61 6.34 -28.83
N GLU C 360 -15.77 6.95 -29.67
CA GLU C 360 -15.99 6.98 -31.12
C GLU C 360 -15.14 5.91 -31.84
N GLY C 361 -14.60 4.98 -31.03
CA GLY C 361 -13.71 3.92 -31.55
C GLY C 361 -12.36 4.51 -31.94
N GLY C 362 -11.62 3.79 -32.82
CA GLY C 362 -10.29 4.24 -33.24
C GLY C 362 -10.15 4.43 -34.74
N GLN C 363 -8.93 4.75 -35.17
CA GLN C 363 -8.60 4.91 -36.58
C GLN C 363 -7.15 4.52 -36.82
N GLU C 364 -6.68 4.71 -38.06
CA GLU C 364 -5.33 4.30 -38.44
C GLU C 364 -4.26 5.21 -37.86
N LEU C 365 -3.27 4.60 -37.23
CA LEU C 365 -2.08 5.29 -36.78
C LEU C 365 -1.04 5.28 -37.91
N PRO C 366 -0.17 6.30 -37.96
CA PRO C 366 0.93 6.25 -38.92
C PRO C 366 1.83 5.05 -38.61
N LEU C 367 2.32 4.38 -39.66
CA LEU C 367 3.19 3.21 -39.54
C LEU C 367 4.31 3.45 -38.52
N ARG C 368 4.44 2.56 -37.54
CA ARG C 368 5.48 2.70 -36.52
C ARG C 368 6.82 2.26 -37.09
N GLN C 369 7.77 3.19 -37.16
CA GLN C 369 9.08 2.94 -37.77
C GLN C 369 10.01 2.10 -36.90
N THR C 370 9.62 1.87 -35.64
CA THR C 370 10.34 0.98 -34.72
C THR C 370 9.38 0.40 -33.68
N PHE C 371 9.66 -0.81 -33.20
CA PHE C 371 8.85 -1.41 -32.14
C PHE C 371 8.89 -0.55 -30.88
N ALA C 372 9.96 0.25 -30.76
CA ALA C 372 10.19 1.09 -29.57
C ALA C 372 9.13 2.16 -29.36
N ASP C 373 8.29 2.36 -30.37
CA ASP C 373 7.13 3.25 -30.27
C ASP C 373 6.19 2.81 -29.15
N ILE C 374 6.10 1.50 -28.92
CA ILE C 374 5.32 0.97 -27.79
C ILE C 374 5.93 1.43 -26.46
N GLY C 375 7.21 1.16 -26.27
CA GLY C 375 7.94 1.60 -25.07
C GLY C 375 7.81 3.11 -24.80
N ALA C 376 7.97 3.90 -25.85
CA ALA C 376 7.85 5.36 -25.74
C ALA C 376 6.45 5.79 -25.31
N THR C 377 5.43 5.10 -25.81
CA THR C 377 4.04 5.38 -25.45
C THR C 377 3.81 5.08 -23.96
N VAL C 378 4.28 3.92 -23.52
CA VAL C 378 4.18 3.52 -22.11
C VAL C 378 4.95 4.50 -21.21
N ALA C 379 6.17 4.85 -21.61
CA ALA C 379 7.00 5.79 -20.84
C ALA C 379 6.34 7.16 -20.70
N GLU C 380 5.84 7.70 -21.81
CA GLU C 380 5.18 9.02 -21.77
C GLU C 380 3.93 8.97 -20.89
N ASN C 381 3.16 7.89 -21.01
CA ASN C 381 1.93 7.73 -20.22
C ASN C 381 2.17 7.86 -18.72
N PHE C 382 3.17 7.14 -18.21
CA PHE C 382 3.47 7.11 -16.77
C PHE C 382 4.48 8.18 -16.33
N GLY C 383 4.92 9.01 -17.27
CA GLY C 383 5.81 10.13 -16.99
C GLY C 383 7.21 9.73 -16.54
N VAL C 384 7.71 8.62 -17.07
CA VAL C 384 9.06 8.16 -16.73
C VAL C 384 10.03 8.48 -17.85
N LYS C 385 11.33 8.38 -17.57
CA LYS C 385 12.36 8.72 -18.55
C LYS C 385 12.08 8.07 -19.90
N MET C 386 12.08 8.89 -20.95
CA MET C 386 11.80 8.40 -22.30
C MET C 386 12.94 7.53 -22.81
N PRO C 387 12.61 6.48 -23.59
CA PRO C 387 13.67 5.64 -24.14
C PRO C 387 14.45 6.37 -25.23
N GLU C 388 15.67 5.92 -25.50
CA GLU C 388 16.55 6.52 -26.50
C GLU C 388 15.98 6.40 -27.91
N TYR C 389 15.08 5.42 -28.09
CA TYR C 389 14.46 5.14 -29.39
C TYR C 389 12.95 5.01 -29.24
N GLY C 390 12.22 5.34 -30.30
CA GLY C 390 10.77 5.21 -30.31
C GLY C 390 10.04 6.54 -30.24
N THR C 391 8.87 6.58 -30.87
CA THR C 391 8.03 7.76 -30.91
C THR C 391 6.65 7.40 -30.36
N SER C 392 6.25 8.08 -29.29
CA SER C 392 4.99 7.80 -28.63
C SER C 392 3.78 8.11 -29.52
N PHE C 393 2.78 7.24 -29.45
CA PHE C 393 1.50 7.49 -30.12
C PHE C 393 0.37 7.76 -29.13
N LEU C 394 0.74 8.07 -27.88
CA LEU C 394 -0.23 8.33 -26.81
C LEU C 394 -1.23 9.43 -27.17
N ASN C 395 -0.72 10.58 -27.61
CA ASN C 395 -1.56 11.73 -27.98
C ASN C 395 -2.41 11.47 -29.22
N GLU C 396 -2.00 10.51 -30.04
CA GLU C 396 -2.75 10.12 -31.24
C GLU C 396 -3.95 9.23 -30.92
N LEU C 397 -4.02 8.73 -29.67
CA LEU C 397 -5.13 7.90 -29.22
C LEU C 397 -6.28 8.74 -28.65
MN MN D . -19.97 32.88 13.04
MN MN E . -18.61 31.30 17.55
MN MN F . -26.00 43.94 14.91
C1 GOL G . -21.89 7.30 17.08
O1 GOL G . -20.72 7.22 17.85
C2 GOL G . -21.97 6.10 16.15
O2 GOL G . -20.85 6.10 15.30
C3 GOL G . -23.24 6.18 15.32
O3 GOL G . -23.17 5.22 14.30
C1 GOL H . -0.92 35.07 29.39
O1 GOL H . -1.88 35.95 28.90
C2 GOL H . -0.40 34.20 28.26
O2 GOL H . 0.03 32.99 28.83
C3 GOL H . 0.76 34.92 27.60
O3 GOL H . 1.29 34.22 26.50
C1 G16 I . -15.62 27.26 6.44
C2 G16 I . -15.43 28.62 7.07
C3 G16 I . -16.80 29.23 7.37
C4 G16 I . -17.60 29.34 6.08
C5 G16 I . -17.61 28.00 5.35
C6 G16 I . -18.16 28.29 3.96
O1 G16 I . -16.38 26.38 7.28
O2 G16 I . -14.67 28.49 8.27
O3 G16 I . -16.66 30.54 7.92
O4 G16 I . -18.95 29.70 6.38
O5 G16 I . -16.30 27.45 5.19
O6 G16 I . -18.83 27.15 3.47
P G16 I . -19.38 27.14 1.97
O1P G16 I . -20.95 27.43 2.11
O2P G16 I . -19.26 25.61 1.54
O3P G16 I . -18.68 28.08 1.08
P' G16 I . -16.06 24.81 7.24
O1X G16 I . -16.47 24.28 5.78
O2X G16 I . -17.06 24.06 8.21
O3X G16 I . -14.65 24.52 7.54
MN MN J . 3.79 -12.14 13.75
MN MN K . 7.53 -14.99 12.22
MN MN L . 14.15 -44.86 0.44
C1 GOL M . 27.89 -8.39 17.46
O1 GOL M . 27.85 -7.34 18.40
C2 GOL M . 27.39 -9.67 18.11
O2 GOL M . 28.23 -9.97 19.22
C3 GOL M . 27.47 -10.79 17.10
O3 GOL M . 27.34 -12.03 17.74
MN MN N . 11.16 -18.64 -32.00
MN MN O . 9.30 -14.35 -30.34
MN MN P . 13.41 -17.31 -44.48
#